data_1LEH
#
_entry.id   1LEH
#
_cell.length_a   138.400
_cell.length_b   138.400
_cell.length_c   121.300
_cell.angle_alpha   90.00
_cell.angle_beta   90.00
_cell.angle_gamma   90.00
#
_symmetry.space_group_name_H-M   'I 4'
#
loop_
_entity.id
_entity.type
_entity.pdbx_description
1 polymer 'LEUCINE DEHYDROGENASE'
2 water water
#
_entity_poly.entity_id   1
_entity_poly.type   'polypeptide(L)'
_entity_poly.pdbx_seq_one_letter_code
;MEIFKYMEKYDYEQLVFCQDEASGLKAVIAIHDTTLGPALGGARMWTYNAEEEAIEDALRLARGMTYKNAAAGLNLGGGK
TVIIGDPFADKNEDMFRALGRFIQGLNGRYITAEDVGTTVDDMDLIHQETDYVTGISPAFGSSGNPSPVTAYGVYRGMKA
AAKEAFGSDSLEGLAVSVQGLGNVAKALCKKLNTEGAKLVVTDVNKAAVSAAVAEEGADAVAPNAIYGVTCDIFAPCALG
AVLNDFTIPQLKAKVIAGSADNQLKDPRHGKYLHELGIVYAPDYVINAGGVINVADELYGYNRTRAMKRVDGIYDSIEKI
FAISKRDGVPSYVAADRMAEERIAKVAKARSQFLQDQRNILNGR
;
_entity_poly.pdbx_strand_id   A,B
#
# COMPACT_ATOMS: atom_id res chain seq x y z
N MET A 1 -1.88 15.30 -8.82
CA MET A 1 -1.03 15.40 -7.65
C MET A 1 0.26 14.58 -7.78
N GLU A 2 1.33 15.03 -7.11
CA GLU A 2 2.64 14.34 -7.10
C GLU A 2 2.87 13.63 -5.76
N ILE A 3 2.44 12.38 -5.71
CA ILE A 3 2.47 11.63 -4.48
C ILE A 3 3.84 11.52 -3.87
N PHE A 4 4.78 11.05 -4.71
CA PHE A 4 6.14 10.82 -4.26
C PHE A 4 6.78 12.07 -3.73
N LYS A 5 6.42 13.18 -4.34
CA LYS A 5 6.98 14.44 -3.87
C LYS A 5 6.50 14.77 -2.46
N TYR A 6 5.16 14.63 -2.27
CA TYR A 6 4.56 14.90 -0.97
C TYR A 6 5.12 13.95 0.09
N MET A 7 5.18 12.68 -0.30
CA MET A 7 5.74 11.64 0.56
C MET A 7 7.18 11.94 1.00
N GLU A 8 8.04 12.27 0.04
CA GLU A 8 9.42 12.52 0.41
C GLU A 8 9.53 13.74 1.26
N LYS A 9 8.71 14.71 0.94
CA LYS A 9 8.74 15.96 1.66
C LYS A 9 8.75 15.75 3.15
N TYR A 10 7.82 14.93 3.60
CA TYR A 10 7.67 14.63 5.00
C TYR A 10 8.09 13.20 5.37
N ASP A 11 8.67 12.48 4.43
CA ASP A 11 9.14 11.15 4.68
C ASP A 11 8.08 10.14 5.15
N TYR A 12 6.99 10.07 4.41
CA TYR A 12 5.98 9.09 4.66
C TYR A 12 6.53 7.73 4.25
N GLU A 13 6.11 6.69 4.98
CA GLU A 13 6.56 5.34 4.63
C GLU A 13 5.75 4.74 3.50
N GLN A 14 4.43 4.79 3.65
CA GLN A 14 3.57 4.11 2.71
C GLN A 14 2.23 4.76 2.46
N LEU A 15 1.73 4.49 1.27
CA LEU A 15 0.41 4.94 0.86
C LEU A 15 -0.21 3.76 0.19
N VAL A 16 -1.32 3.27 0.78
CA VAL A 16 -1.96 2.06 0.28
C VAL A 16 -3.38 2.27 -0.27
N PHE A 17 -3.55 1.98 -1.55
CA PHE A 17 -4.83 2.09 -2.24
C PHE A 17 -5.48 0.71 -2.27
N CYS A 18 -6.66 0.57 -1.66
CA CYS A 18 -7.38 -0.69 -1.61
C CYS A 18 -8.64 -0.57 -2.41
N GLN A 19 -8.90 -1.57 -3.22
CA GLN A 19 -10.06 -1.52 -4.06
C GLN A 19 -10.71 -2.88 -4.16
N ASP A 20 -12.04 -2.89 -4.25
CA ASP A 20 -12.83 -4.11 -4.43
C ASP A 20 -14.09 -3.78 -5.21
N GLU A 21 -14.06 -4.04 -6.49
CA GLU A 21 -15.14 -3.61 -7.31
C GLU A 21 -16.48 -4.14 -6.87
N ALA A 22 -16.46 -5.38 -6.47
CA ALA A 22 -17.65 -6.03 -6.05
C ALA A 22 -18.38 -5.31 -4.95
N SER A 23 -17.66 -4.82 -3.98
CA SER A 23 -18.36 -4.19 -2.90
C SER A 23 -18.37 -2.70 -3.05
N GLY A 24 -17.64 -2.22 -4.04
CA GLY A 24 -17.54 -0.78 -4.21
C GLY A 24 -16.52 -0.10 -3.28
N LEU A 25 -15.62 -0.89 -2.70
CA LEU A 25 -14.64 -0.30 -1.80
C LEU A 25 -13.58 0.51 -2.52
N LYS A 26 -13.31 1.72 -2.01
CA LYS A 26 -12.22 2.56 -2.46
C LYS A 26 -11.65 3.18 -1.24
N ALA A 27 -10.49 2.70 -0.84
CA ALA A 27 -9.92 3.22 0.36
C ALA A 27 -8.46 3.52 0.24
N VAL A 28 -8.06 4.52 1.00
CA VAL A 28 -6.67 4.93 1.02
C VAL A 28 -6.16 4.83 2.43
N ILE A 29 -5.12 4.03 2.61
CA ILE A 29 -4.47 3.88 3.90
C ILE A 29 -3.14 4.63 3.84
N ALA A 30 -3.02 5.63 4.71
CA ALA A 30 -1.77 6.39 4.78
C ALA A 30 -1.00 6.08 6.05
N ILE A 31 0.27 5.68 5.89
CA ILE A 31 1.17 5.38 7.02
C ILE A 31 2.36 6.33 6.97
N HIS A 32 2.35 7.30 7.86
CA HIS A 32 3.37 8.31 7.85
C HIS A 32 4.67 7.84 8.50
N ASP A 33 4.58 7.45 9.77
CA ASP A 33 5.74 6.99 10.54
C ASP A 33 5.42 5.86 11.51
N THR A 34 6.28 4.86 11.55
CA THR A 34 6.16 3.76 12.50
C THR A 34 7.41 3.58 13.33
N THR A 35 8.15 4.64 13.50
CA THR A 35 9.36 4.54 14.31
C THR A 35 9.04 4.09 15.71
N LEU A 36 7.98 4.64 16.28
CA LEU A 36 7.66 4.27 17.65
C LEU A 36 6.86 2.97 17.76
N GLY A 37 6.24 2.50 16.69
CA GLY A 37 5.43 1.32 16.84
C GLY A 37 4.45 1.31 15.72
N PRO A 38 3.46 0.41 15.79
CA PRO A 38 2.46 0.33 14.75
C PRO A 38 1.73 1.66 14.65
N ALA A 39 1.26 1.93 13.45
CA ALA A 39 0.51 3.12 13.19
C ALA A 39 -0.91 2.93 13.66
N LEU A 40 -1.42 3.88 14.39
CA LEU A 40 -2.80 3.82 14.79
C LEU A 40 -3.54 5.06 14.30
N GLY A 41 -4.65 4.86 13.62
CA GLY A 41 -5.43 5.98 13.14
C GLY A 41 -6.81 5.55 12.71
N GLY A 42 -7.77 6.45 12.95
CA GLY A 42 -9.14 6.14 12.59
C GLY A 42 -9.41 5.94 11.11
N ALA A 43 -10.57 5.35 10.84
CA ALA A 43 -11.03 5.18 9.48
C ALA A 43 -12.17 6.15 9.23
N ARG A 44 -11.97 7.11 8.36
CA ARG A 44 -13.02 8.05 8.09
C ARG A 44 -13.68 7.83 6.76
N MET A 45 -14.97 7.92 6.74
CA MET A 45 -15.66 7.66 5.50
C MET A 45 -16.42 8.88 5.09
N TRP A 46 -16.17 9.30 3.87
CA TRP A 46 -16.74 10.53 3.42
C TRP A 46 -16.81 10.60 1.92
N THR A 47 -17.70 11.50 1.46
CA THR A 47 -17.92 11.80 0.04
C THR A 47 -16.81 12.69 -0.46
N TYR A 48 -16.17 12.29 -1.52
CA TYR A 48 -15.05 13.13 -1.82
C TYR A 48 -15.15 13.76 -3.16
N ASN A 49 -14.90 15.07 -3.10
CA ASN A 49 -14.83 15.94 -4.21
C ASN A 49 -14.05 15.28 -5.36
N ALA A 50 -12.74 15.26 -5.15
CA ALA A 50 -11.77 14.72 -6.07
C ALA A 50 -10.94 13.65 -5.37
N GLU A 51 -10.52 12.61 -6.12
CA GLU A 51 -9.60 11.57 -5.65
C GLU A 51 -8.43 12.22 -4.91
N GLU A 52 -7.85 13.24 -5.58
CA GLU A 52 -6.73 13.98 -5.04
C GLU A 52 -7.02 14.54 -3.67
N GLU A 53 -8.27 14.94 -3.50
CA GLU A 53 -8.67 15.48 -2.23
C GLU A 53 -8.61 14.46 -1.12
N ALA A 54 -9.04 13.25 -1.47
CA ALA A 54 -9.10 12.12 -0.56
C ALA A 54 -7.70 11.74 -0.15
N ILE A 55 -6.86 11.60 -1.15
CA ILE A 55 -5.50 11.26 -0.93
C ILE A 55 -4.83 12.28 -0.05
N GLU A 56 -5.15 13.53 -0.32
CA GLU A 56 -4.55 14.58 0.46
C GLU A 56 -5.03 14.53 1.91
N ASP A 57 -6.29 14.23 2.10
CA ASP A 57 -6.73 14.19 3.49
C ASP A 57 -6.02 13.09 4.29
N ALA A 58 -5.91 11.94 3.63
CA ALA A 58 -5.32 10.78 4.27
C ALA A 58 -3.91 11.10 4.70
N LEU A 59 -3.17 11.64 3.77
CA LEU A 59 -1.80 11.97 4.07
C LEU A 59 -1.68 12.87 5.22
N ARG A 60 -2.49 13.88 5.14
CA ARG A 60 -2.44 14.96 6.08
C ARG A 60 -2.81 14.49 7.47
N LEU A 61 -3.88 13.70 7.53
CA LEU A 61 -4.34 13.17 8.81
C LEU A 61 -3.36 12.16 9.46
N ALA A 62 -2.71 11.32 8.66
CA ALA A 62 -1.75 10.33 9.18
C ALA A 62 -0.55 11.02 9.85
N ARG A 63 -0.08 12.11 9.25
CA ARG A 63 1.04 12.84 9.81
C ARG A 63 0.65 13.45 11.16
N GLY A 64 -0.59 13.91 11.20
CA GLY A 64 -1.11 14.46 12.43
C GLY A 64 -1.11 13.43 13.55
N MET A 65 -1.53 12.18 13.22
CA MET A 65 -1.57 11.09 14.20
C MET A 65 -0.17 10.79 14.73
N THR A 66 0.83 10.89 13.84
CA THR A 66 2.20 10.69 14.27
C THR A 66 2.50 11.60 15.43
N TYR A 67 2.14 12.87 15.26
CA TYR A 67 2.43 13.85 16.29
C TYR A 67 1.65 13.63 17.54
N LYS A 68 0.38 13.41 17.33
CA LYS A 68 -0.48 13.27 18.48
C LYS A 68 -0.09 12.09 19.36
N ASN A 69 0.13 10.96 18.73
CA ASN A 69 0.48 9.74 19.44
C ASN A 69 1.79 9.88 20.18
N ALA A 70 2.78 10.51 19.53
CA ALA A 70 4.08 10.71 20.17
C ALA A 70 4.00 11.59 21.39
N ALA A 71 3.31 12.74 21.23
CA ALA A 71 3.15 13.70 22.29
C ALA A 71 2.33 13.13 23.42
N ALA A 72 1.45 12.20 23.10
CA ALA A 72 0.66 11.57 24.12
C ALA A 72 1.45 10.53 24.93
N GLY A 73 2.69 10.25 24.53
CA GLY A 73 3.51 9.30 25.26
C GLY A 73 3.32 7.83 24.87
N LEU A 74 2.53 7.60 23.82
CA LEU A 74 2.20 6.27 23.33
C LEU A 74 3.32 5.71 22.48
N ASN A 75 3.37 4.38 22.38
CA ASN A 75 4.35 3.73 21.55
C ASN A 75 3.68 3.31 20.25
N LEU A 76 3.20 4.30 19.51
CA LEU A 76 2.51 4.07 18.27
C LEU A 76 2.91 5.11 17.27
N GLY A 77 2.80 4.76 15.99
CA GLY A 77 3.08 5.65 14.87
C GLY A 77 1.78 6.30 14.35
N GLY A 78 1.88 7.04 13.25
CA GLY A 78 0.73 7.75 12.70
C GLY A 78 0.24 7.18 11.36
N GLY A 79 -1.07 6.89 11.33
CA GLY A 79 -1.69 6.38 10.14
C GLY A 79 -3.12 6.84 10.10
N LYS A 80 -3.76 6.65 8.98
CA LYS A 80 -5.13 7.03 8.79
C LYS A 80 -5.69 6.38 7.55
N THR A 81 -6.95 5.99 7.65
CA THR A 81 -7.67 5.42 6.52
C THR A 81 -8.78 6.37 6.05
N VAL A 82 -8.86 6.60 4.77
CA VAL A 82 -9.94 7.39 4.20
C VAL A 82 -10.68 6.53 3.17
N ILE A 83 -11.98 6.39 3.39
CA ILE A 83 -12.86 5.62 2.52
C ILE A 83 -13.75 6.57 1.73
N ILE A 84 -13.67 6.48 0.43
CA ILE A 84 -14.44 7.35 -0.42
C ILE A 84 -15.86 6.89 -0.60
N GLY A 85 -16.81 7.62 -0.01
CA GLY A 85 -18.20 7.28 -0.16
C GLY A 85 -19.14 8.00 0.80
N ASP A 86 -20.44 7.86 0.53
CA ASP A 86 -21.51 8.40 1.35
C ASP A 86 -21.83 7.47 2.52
N PRO A 87 -21.39 7.88 3.69
CA PRO A 87 -21.57 7.09 4.89
C PRO A 87 -23.03 6.76 5.15
N PHE A 88 -23.89 7.53 4.53
CA PHE A 88 -25.30 7.36 4.75
C PHE A 88 -25.97 6.51 3.69
N ALA A 89 -25.23 6.23 2.60
CA ALA A 89 -25.89 5.45 1.58
C ALA A 89 -25.06 4.32 1.00
N ASP A 90 -23.73 4.43 1.10
CA ASP A 90 -22.87 3.48 0.43
C ASP A 90 -22.35 2.31 1.21
N LYS A 91 -22.51 2.35 2.54
CA LYS A 91 -21.99 1.25 3.34
C LYS A 91 -22.66 -0.07 3.01
N ASN A 92 -21.94 -1.15 3.16
CA ASN A 92 -22.43 -2.53 3.06
C ASN A 92 -21.46 -3.40 3.86
N GLU A 93 -21.83 -4.66 4.15
CA GLU A 93 -20.99 -5.58 4.94
C GLU A 93 -19.68 -5.88 4.25
N ASP A 94 -19.87 -6.37 3.05
CA ASP A 94 -18.87 -6.79 2.11
C ASP A 94 -17.71 -5.81 2.02
N MET A 95 -17.99 -4.52 1.98
CA MET A 95 -16.88 -3.59 1.86
C MET A 95 -15.98 -3.56 3.08
N PHE A 96 -16.56 -3.71 4.27
CA PHE A 96 -15.76 -3.71 5.49
C PHE A 96 -15.09 -5.03 5.66
N ARG A 97 -15.66 -6.06 5.09
CA ARG A 97 -14.99 -7.35 5.16
C ARG A 97 -13.72 -7.26 4.30
N ALA A 98 -13.79 -6.70 3.07
CA ALA A 98 -12.60 -6.54 2.22
C ALA A 98 -11.53 -5.64 2.88
N LEU A 99 -11.97 -4.50 3.40
CA LEU A 99 -11.05 -3.62 4.07
C LEU A 99 -10.32 -4.35 5.20
N GLY A 100 -11.06 -5.06 6.01
CA GLY A 100 -10.48 -5.81 7.12
C GLY A 100 -9.37 -6.73 6.67
N ARG A 101 -9.57 -7.38 5.53
CA ARG A 101 -8.60 -8.28 4.95
C ARG A 101 -7.37 -7.53 4.50
N PHE A 102 -7.52 -6.34 3.94
CA PHE A 102 -6.34 -5.62 3.52
C PHE A 102 -5.50 -5.23 4.72
N ILE A 103 -6.22 -4.91 5.78
CA ILE A 103 -5.57 -4.52 7.01
C ILE A 103 -4.77 -5.69 7.61
N GLN A 104 -5.41 -6.85 7.65
CA GLN A 104 -4.78 -8.06 8.11
C GLN A 104 -3.52 -8.27 7.26
N GLY A 105 -3.63 -7.92 5.97
CA GLY A 105 -2.54 -8.02 5.01
C GLY A 105 -1.36 -7.08 5.27
N LEU A 106 -1.54 -6.05 6.12
CA LEU A 106 -0.47 -5.17 6.54
C LEU A 106 0.19 -5.69 7.80
N ASN A 107 -0.37 -6.76 8.31
CA ASN A 107 0.18 -7.49 9.44
C ASN A 107 0.68 -6.70 10.66
N GLY A 108 -0.13 -5.81 11.17
CA GLY A 108 0.29 -5.14 12.38
C GLY A 108 0.95 -3.80 12.15
N ARG A 109 1.26 -3.47 10.88
CA ARG A 109 1.86 -2.15 10.66
C ARG A 109 0.83 -1.03 10.91
N TYR A 110 -0.46 -1.34 10.78
CA TYR A 110 -1.52 -0.39 10.95
C TYR A 110 -2.70 -0.98 11.75
N ILE A 111 -3.19 -0.18 12.67
CA ILE A 111 -4.31 -0.50 13.56
C ILE A 111 -5.41 0.55 13.37
N THR A 112 -6.62 0.12 13.06
CA THR A 112 -7.73 1.02 12.82
C THR A 112 -8.63 1.23 14.02
N ALA A 113 -9.53 2.19 13.85
CA ALA A 113 -10.54 2.57 14.81
C ALA A 113 -11.66 3.35 14.16
N GLU A 114 -12.74 3.57 14.90
CA GLU A 114 -13.84 4.36 14.38
C GLU A 114 -13.52 5.84 14.31
N ASP A 115 -14.14 6.49 13.37
CA ASP A 115 -13.92 7.90 13.17
C ASP A 115 -15.14 8.45 12.43
N VAL A 116 -15.00 9.66 11.91
CA VAL A 116 -16.03 10.29 11.12
C VAL A 116 -16.53 9.41 10.00
N GLY A 117 -17.82 9.05 10.11
CA GLY A 117 -18.48 8.25 9.10
C GLY A 117 -18.51 6.75 9.33
N THR A 118 -17.79 6.23 10.34
CA THR A 118 -17.81 4.79 10.61
C THR A 118 -18.27 4.56 12.02
N THR A 119 -18.78 3.38 12.29
CA THR A 119 -19.27 3.03 13.62
C THR A 119 -18.64 1.77 14.19
N VAL A 120 -19.01 1.50 15.44
CA VAL A 120 -18.64 0.29 16.12
C VAL A 120 -19.16 -0.88 15.32
N ASP A 121 -20.30 -0.70 14.67
CA ASP A 121 -20.78 -1.79 13.85
C ASP A 121 -19.83 -2.09 12.73
N ASP A 122 -19.33 -1.03 12.12
CA ASP A 122 -18.41 -1.21 11.02
C ASP A 122 -17.14 -1.89 11.50
N MET A 123 -16.68 -1.46 12.67
CA MET A 123 -15.49 -1.99 13.29
C MET A 123 -15.65 -3.45 13.58
N ASP A 124 -16.86 -3.82 13.96
CA ASP A 124 -17.08 -5.22 14.25
C ASP A 124 -16.94 -6.03 12.99
N LEU A 125 -17.38 -5.46 11.86
CA LEU A 125 -17.22 -6.18 10.62
C LEU A 125 -15.74 -6.34 10.25
N ILE A 126 -14.99 -5.26 10.38
CA ILE A 126 -13.55 -5.30 10.15
C ILE A 126 -12.93 -6.37 11.07
N HIS A 127 -13.36 -6.36 12.30
CA HIS A 127 -12.89 -7.29 13.30
C HIS A 127 -13.09 -8.75 12.97
N GLN A 128 -14.00 -9.10 12.09
CA GLN A 128 -14.13 -10.49 11.70
C GLN A 128 -12.95 -10.96 10.84
N GLU A 129 -12.14 -10.01 10.33
CA GLU A 129 -11.03 -10.38 9.48
C GLU A 129 -9.65 -10.13 10.08
N THR A 130 -9.56 -9.32 11.14
CA THR A 130 -8.28 -8.99 11.70
C THR A 130 -8.41 -8.54 13.12
N ASP A 131 -7.32 -8.59 13.84
CA ASP A 131 -7.36 -8.09 15.20
C ASP A 131 -6.77 -6.70 15.29
N TYR A 132 -6.33 -6.15 14.17
CA TYR A 132 -5.71 -4.83 14.22
C TYR A 132 -6.75 -3.71 14.16
N VAL A 133 -7.65 -3.69 15.11
CA VAL A 133 -8.72 -2.72 15.17
C VAL A 133 -8.95 -2.47 16.64
N THR A 134 -9.20 -1.24 17.03
CA THR A 134 -9.36 -1.03 18.44
C THR A 134 -10.69 -0.36 18.75
N GLY A 135 -11.08 -0.35 20.02
CA GLY A 135 -12.34 0.23 20.44
C GLY A 135 -13.55 -0.70 20.37
N ILE A 136 -13.33 -1.99 20.16
CA ILE A 136 -14.42 -2.97 20.04
C ILE A 136 -14.52 -4.01 21.16
N SER A 137 -13.64 -3.94 22.16
CA SER A 137 -13.68 -4.92 23.23
C SER A 137 -14.94 -4.82 24.07
N PRO A 138 -15.41 -5.97 24.54
CA PRO A 138 -16.54 -5.98 25.44
C PRO A 138 -16.18 -5.23 26.71
N ALA A 139 -14.88 -5.34 27.14
CA ALA A 139 -14.35 -4.61 28.30
C ALA A 139 -14.32 -3.12 28.06
N PHE A 140 -13.89 -2.77 26.88
CA PHE A 140 -13.86 -1.40 26.49
C PHE A 140 -15.29 -0.85 26.43
N GLY A 141 -16.19 -1.68 25.88
CA GLY A 141 -17.59 -1.32 25.72
C GLY A 141 -18.28 -1.04 27.04
N SER A 142 -18.04 -1.95 27.98
CA SER A 142 -18.60 -1.82 29.30
C SER A 142 -18.11 -0.56 29.99
N SER A 143 -16.83 -0.53 30.31
CA SER A 143 -16.30 0.60 31.01
C SER A 143 -15.47 1.53 30.18
N GLY A 144 -15.81 1.70 28.92
CA GLY A 144 -14.95 2.56 28.17
C GLY A 144 -15.69 3.68 27.46
N ASN A 145 -16.37 4.58 28.24
CA ASN A 145 -16.99 5.75 27.61
C ASN A 145 -15.89 6.78 27.45
N PRO A 146 -15.45 6.90 26.22
CA PRO A 146 -14.36 7.82 25.97
C PRO A 146 -14.46 9.09 26.80
N SER A 147 -15.68 9.65 26.79
CA SER A 147 -16.02 10.95 27.36
C SER A 147 -15.27 11.45 28.60
N PRO A 148 -15.52 10.71 29.64
CA PRO A 148 -14.91 11.01 30.92
C PRO A 148 -13.38 11.04 30.91
N VAL A 149 -12.82 10.12 30.13
CA VAL A 149 -11.39 10.00 30.02
C VAL A 149 -10.83 11.22 29.30
N THR A 150 -11.43 11.58 28.18
CA THR A 150 -10.99 12.80 27.52
C THR A 150 -11.08 13.99 28.47
N ALA A 151 -12.28 14.17 29.01
CA ALA A 151 -12.52 15.27 29.94
C ALA A 151 -11.48 15.29 31.06
N TYR A 152 -11.16 14.11 31.54
CA TYR A 152 -10.20 14.05 32.62
C TYR A 152 -8.84 14.62 32.21
N GLY A 153 -8.50 14.45 30.92
CA GLY A 153 -7.21 14.88 30.36
C GLY A 153 -7.12 16.38 30.14
N VAL A 154 -8.24 16.94 29.70
CA VAL A 154 -8.35 18.38 29.52
C VAL A 154 -8.20 19.09 30.85
N TYR A 155 -8.88 18.51 31.82
CA TYR A 155 -8.85 18.94 33.19
C TYR A 155 -7.42 19.01 33.73
N ARG A 156 -6.73 17.90 33.56
CA ARG A 156 -5.37 17.80 33.99
C ARG A 156 -4.46 18.76 33.25
N GLY A 157 -4.65 18.84 31.92
CA GLY A 157 -3.86 19.77 31.13
C GLY A 157 -4.15 21.20 31.59
N MET A 158 -5.40 21.45 31.96
CA MET A 158 -5.82 22.75 32.45
C MET A 158 -5.04 23.18 33.67
N LYS A 159 -4.87 22.25 34.60
CA LYS A 159 -4.11 22.50 35.83
C LYS A 159 -2.66 22.90 35.58
N ALA A 160 -2.05 22.28 34.57
CA ALA A 160 -0.68 22.62 34.25
C ALA A 160 -0.58 24.06 33.73
N ALA A 161 -1.62 24.45 32.99
CA ALA A 161 -1.70 25.76 32.39
C ALA A 161 -1.85 26.84 33.44
N ALA A 162 -2.83 26.62 34.32
CA ALA A 162 -3.08 27.51 35.44
C ALA A 162 -1.77 27.74 36.20
N LYS A 163 -1.14 26.65 36.53
CA LYS A 163 0.10 26.78 37.24
C LYS A 163 1.05 27.66 36.45
N GLU A 164 1.10 27.49 35.13
CA GLU A 164 2.05 28.31 34.38
C GLU A 164 1.62 29.78 34.32
N ALA A 165 0.32 29.97 34.21
CA ALA A 165 -0.20 31.31 34.10
C ALA A 165 -0.13 31.99 35.44
N PHE A 166 -0.93 31.43 36.31
CA PHE A 166 -1.18 31.95 37.61
C PHE A 166 -0.19 31.64 38.68
N GLY A 167 0.48 30.50 38.59
CA GLY A 167 1.46 30.18 39.60
C GLY A 167 1.08 28.94 40.42
N SER A 168 -0.15 28.56 40.33
CA SER A 168 -0.61 27.38 41.04
C SER A 168 -1.58 26.60 40.21
N ASP A 169 -1.68 25.30 40.52
CA ASP A 169 -2.58 24.42 39.81
C ASP A 169 -3.98 24.33 40.44
N SER A 170 -4.26 25.13 41.45
CA SER A 170 -5.60 25.07 41.95
C SER A 170 -6.49 25.97 41.13
N LEU A 171 -7.59 25.36 40.71
CA LEU A 171 -8.58 26.04 39.94
C LEU A 171 -9.58 26.61 40.90
N GLU A 172 -9.26 26.47 42.17
CA GLU A 172 -10.16 26.96 43.18
C GLU A 172 -10.15 28.49 43.21
N GLY A 173 -11.33 29.02 42.91
CA GLY A 173 -11.52 30.46 42.81
C GLY A 173 -11.62 30.97 41.37
N LEU A 174 -10.95 30.26 40.45
CA LEU A 174 -10.94 30.63 39.05
C LEU A 174 -12.29 30.61 38.37
N ALA A 175 -12.40 31.51 37.39
CA ALA A 175 -13.61 31.61 36.61
C ALA A 175 -13.28 31.05 35.26
N VAL A 176 -14.18 30.24 34.75
CA VAL A 176 -13.87 29.55 33.54
C VAL A 176 -15.00 29.58 32.56
N SER A 177 -14.68 29.95 31.32
CA SER A 177 -15.68 29.98 30.28
C SER A 177 -15.65 28.64 29.57
N VAL A 178 -16.83 28.07 29.38
CA VAL A 178 -16.92 26.81 28.72
C VAL A 178 -17.78 26.91 27.48
N GLN A 179 -17.10 26.87 26.36
CA GLN A 179 -17.78 26.96 25.11
C GLN A 179 -18.14 25.58 24.64
N GLY A 180 -19.44 25.32 24.61
CA GLY A 180 -19.93 23.99 24.28
C GLY A 180 -20.17 23.17 25.57
N LEU A 181 -21.28 22.45 25.57
CA LEU A 181 -21.64 21.65 26.73
C LEU A 181 -21.86 20.17 26.39
N GLY A 182 -21.03 19.62 25.51
CA GLY A 182 -21.17 18.23 25.13
C GLY A 182 -20.87 17.29 26.29
N ASN A 183 -20.87 16.00 25.96
CA ASN A 183 -20.60 14.95 26.93
C ASN A 183 -19.30 15.20 27.69
N VAL A 184 -18.30 15.66 26.94
CA VAL A 184 -16.99 15.98 27.49
C VAL A 184 -17.06 17.22 28.36
N ALA A 185 -17.62 18.28 27.77
CA ALA A 185 -17.74 19.54 28.48
C ALA A 185 -18.48 19.29 29.78
N LYS A 186 -19.55 18.53 29.66
CA LYS A 186 -20.32 18.21 30.84
C LYS A 186 -19.45 17.81 32.00
N ALA A 187 -18.69 16.75 31.75
CA ALA A 187 -17.78 16.15 32.73
C ALA A 187 -16.71 17.09 33.24
N LEU A 188 -16.19 17.90 32.33
CA LEU A 188 -15.15 18.84 32.67
C LEU A 188 -15.68 19.80 33.69
N CYS A 189 -16.91 20.22 33.45
CA CYS A 189 -17.57 21.16 34.34
C CYS A 189 -17.61 20.57 35.72
N LYS A 190 -18.02 19.32 35.72
CA LYS A 190 -18.10 18.57 36.94
C LYS A 190 -16.80 18.66 37.69
N LYS A 191 -15.76 18.23 37.01
CA LYS A 191 -14.44 18.24 37.58
C LYS A 191 -14.13 19.59 38.22
N LEU A 192 -14.54 20.64 37.48
CA LEU A 192 -14.34 22.01 37.90
C LEU A 192 -15.04 22.40 39.18
N ASN A 193 -16.39 22.24 39.20
CA ASN A 193 -17.17 22.56 40.38
C ASN A 193 -16.50 21.90 41.55
N THR A 194 -16.44 20.58 41.43
CA THR A 194 -15.89 19.75 42.48
C THR A 194 -14.60 20.33 43.09
N GLU A 195 -13.93 21.16 42.27
CA GLU A 195 -12.68 21.80 42.70
C GLU A 195 -12.86 23.19 43.31
N GLY A 196 -14.06 23.75 43.18
CA GLY A 196 -14.33 25.07 43.68
C GLY A 196 -13.97 26.10 42.65
N ALA A 197 -14.47 25.88 41.45
CA ALA A 197 -14.26 26.81 40.38
C ALA A 197 -15.60 27.30 39.91
N LYS A 198 -15.55 28.51 39.30
CA LYS A 198 -16.75 29.17 38.86
C LYS A 198 -16.95 29.05 37.41
N LEU A 199 -18.19 28.75 37.03
CA LEU A 199 -18.47 28.51 35.66
C LEU A 199 -19.38 29.48 34.91
N VAL A 200 -18.84 29.86 33.76
CA VAL A 200 -19.54 30.65 32.79
C VAL A 200 -19.71 29.81 31.55
N VAL A 201 -20.93 29.67 31.05
CA VAL A 201 -21.10 28.74 29.95
C VAL A 201 -22.11 29.06 28.86
N THR A 202 -21.96 28.37 27.75
CA THR A 202 -22.83 28.57 26.61
C THR A 202 -22.82 27.38 25.69
N ASP A 203 -23.86 27.28 24.87
CA ASP A 203 -24.08 26.22 23.90
C ASP A 203 -25.27 26.54 22.99
N VAL A 204 -25.18 26.16 21.72
CA VAL A 204 -26.29 26.40 20.80
C VAL A 204 -27.57 25.77 21.34
N ASN A 205 -27.43 24.75 22.17
CA ASN A 205 -28.58 24.06 22.71
C ASN A 205 -28.96 24.47 24.11
N LYS A 206 -30.19 24.91 24.24
CA LYS A 206 -30.71 25.36 25.53
C LYS A 206 -30.59 24.28 26.60
N ALA A 207 -31.28 23.18 26.35
CA ALA A 207 -31.32 22.06 27.27
C ALA A 207 -29.99 21.83 27.93
N ALA A 208 -28.96 21.97 27.11
CA ALA A 208 -27.61 21.80 27.57
C ALA A 208 -27.22 22.86 28.59
N VAL A 209 -27.57 24.11 28.26
CA VAL A 209 -27.25 25.19 29.14
C VAL A 209 -27.90 24.92 30.48
N SER A 210 -29.17 24.49 30.41
CA SER A 210 -29.97 24.24 31.60
C SER A 210 -29.41 23.18 32.54
N ALA A 211 -29.12 22.01 31.99
CA ALA A 211 -28.56 20.93 32.79
C ALA A 211 -27.31 21.37 33.54
N ALA A 212 -26.44 22.02 32.75
CA ALA A 212 -25.20 22.49 33.28
C ALA A 212 -25.45 23.51 34.35
N VAL A 213 -26.33 24.49 34.01
CA VAL A 213 -26.69 25.55 34.94
C VAL A 213 -27.30 25.04 36.25
N ALA A 214 -28.28 24.17 36.10
CA ALA A 214 -28.98 23.59 37.22
C ALA A 214 -28.03 22.83 38.11
N GLU A 215 -27.37 21.85 37.49
CA GLU A 215 -26.42 20.99 38.11
C GLU A 215 -25.30 21.68 38.88
N GLU A 216 -24.56 22.51 38.15
CA GLU A 216 -23.37 23.10 38.70
C GLU A 216 -23.45 24.60 38.97
N GLY A 217 -24.65 25.20 38.83
CA GLY A 217 -24.86 26.62 39.12
C GLY A 217 -23.97 27.50 38.27
N ALA A 218 -24.08 27.34 36.97
CA ALA A 218 -23.28 28.10 36.05
C ALA A 218 -24.04 29.28 35.53
N ASP A 219 -23.27 30.24 35.00
CA ASP A 219 -23.82 31.43 34.38
C ASP A 219 -23.77 31.23 32.89
N ALA A 220 -24.95 31.14 32.32
CA ALA A 220 -25.09 30.93 30.90
C ALA A 220 -25.17 32.24 30.12
N VAL A 221 -24.28 32.37 29.15
CA VAL A 221 -24.23 33.53 28.28
C VAL A 221 -24.69 33.11 26.90
N ALA A 222 -24.80 34.07 26.00
CA ALA A 222 -25.14 33.71 24.65
C ALA A 222 -23.85 33.33 23.97
N PRO A 223 -23.98 32.47 23.00
CA PRO A 223 -22.86 31.95 22.23
C PRO A 223 -21.83 32.98 21.79
N ASN A 224 -22.29 34.14 21.36
CA ASN A 224 -21.40 35.15 20.82
C ASN A 224 -20.73 35.97 21.89
N ALA A 225 -21.28 35.88 23.08
CA ALA A 225 -20.72 36.62 24.18
C ALA A 225 -19.65 35.85 24.92
N ILE A 226 -19.45 34.61 24.49
CA ILE A 226 -18.50 33.73 25.14
C ILE A 226 -17.09 34.30 25.25
N TYR A 227 -16.59 34.83 24.13
CA TYR A 227 -15.23 35.38 24.07
C TYR A 227 -14.97 36.56 24.96
N GLY A 228 -15.98 37.44 25.09
CA GLY A 228 -15.85 38.67 25.89
C GLY A 228 -15.75 38.45 27.40
N VAL A 229 -16.44 37.43 27.90
CA VAL A 229 -16.47 37.15 29.32
C VAL A 229 -15.24 37.49 30.17
N THR A 230 -15.45 38.03 31.37
CA THR A 230 -14.32 38.34 32.21
C THR A 230 -14.04 37.15 33.10
N CYS A 231 -13.07 36.36 32.67
CA CYS A 231 -12.68 35.18 33.41
C CYS A 231 -11.23 34.86 33.22
N ASP A 232 -10.76 33.83 33.93
CA ASP A 232 -9.38 33.41 33.92
C ASP A 232 -9.04 32.43 32.79
N ILE A 233 -9.95 31.51 32.52
CA ILE A 233 -9.70 30.45 31.57
C ILE A 233 -10.81 30.29 30.58
N PHE A 234 -10.42 30.17 29.32
CA PHE A 234 -11.34 29.91 28.23
C PHE A 234 -11.14 28.48 27.72
N ALA A 235 -12.22 27.68 27.79
CA ALA A 235 -12.24 26.28 27.38
C ALA A 235 -13.10 26.10 26.17
N PRO A 236 -12.45 26.16 25.03
CA PRO A 236 -13.11 25.93 23.76
C PRO A 236 -13.34 24.44 23.65
N CYS A 237 -14.58 24.04 23.82
CA CYS A 237 -14.88 22.63 23.82
C CYS A 237 -15.89 22.30 22.79
N ALA A 238 -15.90 23.01 21.67
CA ALA A 238 -16.88 22.74 20.63
C ALA A 238 -16.24 22.55 19.25
N LEU A 239 -16.47 23.51 18.38
CA LEU A 239 -15.87 23.44 17.08
C LEU A 239 -14.53 24.12 17.09
N GLY A 240 -13.76 23.91 16.03
CA GLY A 240 -12.45 24.50 15.92
C GLY A 240 -12.46 25.83 15.20
N ALA A 241 -11.27 26.40 15.07
CA ALA A 241 -11.08 27.65 14.40
C ALA A 241 -11.71 28.80 15.16
N VAL A 242 -12.05 28.56 16.42
CA VAL A 242 -12.66 29.59 17.24
C VAL A 242 -11.65 30.63 17.65
N LEU A 243 -10.39 30.34 17.40
CA LEU A 243 -9.37 31.28 17.79
C LEU A 243 -8.93 31.96 16.56
N ASN A 244 -9.36 33.19 16.41
CA ASN A 244 -9.10 33.95 15.22
C ASN A 244 -9.02 35.43 15.46
N ASP A 245 -8.98 36.12 14.31
CA ASP A 245 -8.89 37.56 14.26
C ASP A 245 -9.99 38.30 15.00
N PHE A 246 -11.26 37.87 14.88
CA PHE A 246 -12.30 38.53 15.64
C PHE A 246 -12.17 38.23 17.12
N THR A 247 -12.17 36.95 17.41
CA THR A 247 -12.22 36.48 18.77
C THR A 247 -11.02 36.79 19.62
N ILE A 248 -9.85 36.54 19.06
CA ILE A 248 -8.65 36.70 19.85
C ILE A 248 -8.58 38.01 20.64
N PRO A 249 -8.78 39.12 19.94
CA PRO A 249 -8.72 40.45 20.53
C PRO A 249 -9.80 40.69 21.58
N GLN A 250 -10.87 39.93 21.52
CA GLN A 250 -11.86 40.08 22.54
C GLN A 250 -11.50 39.35 23.82
N LEU A 251 -10.53 38.44 23.76
CA LEU A 251 -10.18 37.62 24.91
C LEU A 251 -9.78 38.35 26.16
N LYS A 252 -10.48 38.00 27.25
CA LYS A 252 -10.21 38.49 28.59
C LYS A 252 -9.35 37.46 29.35
N ALA A 253 -9.52 36.19 29.01
CA ALA A 253 -8.78 35.07 29.62
C ALA A 253 -7.25 35.11 29.46
N LYS A 254 -6.55 34.56 30.45
CA LYS A 254 -5.10 34.49 30.35
C LYS A 254 -4.65 33.09 29.88
N VAL A 255 -5.56 32.13 30.02
CA VAL A 255 -5.29 30.73 29.68
C VAL A 255 -6.34 30.18 28.72
N ILE A 256 -5.87 29.49 27.66
CA ILE A 256 -6.78 28.77 26.77
C ILE A 256 -6.51 27.29 26.88
N ALA A 257 -7.53 26.50 27.25
CA ALA A 257 -7.39 25.07 27.46
C ALA A 257 -8.72 24.31 27.31
N GLY A 258 -9.00 23.78 26.10
CA GLY A 258 -10.27 23.10 25.85
C GLY A 258 -10.12 21.80 25.06
N SER A 259 -11.21 21.11 24.88
CA SER A 259 -11.22 19.82 24.23
C SER A 259 -11.35 19.85 22.68
N ALA A 260 -11.77 20.97 22.14
CA ALA A 260 -12.01 21.08 20.71
C ALA A 260 -10.78 20.79 19.85
N ASP A 261 -11.02 20.31 18.64
CA ASP A 261 -9.96 20.05 17.68
C ASP A 261 -9.64 21.26 16.82
N ASN A 262 -8.36 21.43 16.51
CA ASN A 262 -7.90 22.53 15.67
C ASN A 262 -8.45 23.87 16.08
N GLN A 263 -8.07 24.32 17.26
CA GLN A 263 -8.57 25.55 17.80
C GLN A 263 -8.20 26.78 17.00
N LEU A 264 -6.94 26.85 16.63
CA LEU A 264 -6.46 27.94 15.82
C LEU A 264 -6.99 27.88 14.40
N LYS A 265 -7.31 29.05 13.86
CA LYS A 265 -7.71 29.14 12.47
C LYS A 265 -6.47 29.14 11.55
N ASP A 266 -5.33 29.62 12.09
CA ASP A 266 -4.06 29.69 11.40
C ASP A 266 -2.90 29.66 12.40
N PRO A 267 -1.68 29.24 11.97
CA PRO A 267 -0.57 29.25 12.87
C PRO A 267 -0.39 30.64 13.44
N ARG A 268 -0.58 31.61 12.54
CA ARG A 268 -0.53 33.03 12.82
C ARG A 268 -1.19 33.36 14.16
N HIS A 269 -2.45 32.91 14.28
CA HIS A 269 -3.19 33.09 15.51
C HIS A 269 -2.41 32.56 16.71
N GLY A 270 -1.65 31.48 16.45
CA GLY A 270 -0.82 30.90 17.49
C GLY A 270 0.25 31.86 17.91
N LYS A 271 0.80 32.54 16.92
CA LYS A 271 1.80 33.52 17.24
C LYS A 271 1.15 34.74 17.88
N TYR A 272 0.01 35.13 17.35
CA TYR A 272 -0.67 36.25 17.94
C TYR A 272 -0.77 36.05 19.46
N LEU A 273 -1.45 34.95 19.81
CA LEU A 273 -1.63 34.52 21.18
C LEU A 273 -0.39 34.69 21.97
N HIS A 274 0.75 34.21 21.38
CA HIS A 274 2.05 34.26 22.06
C HIS A 274 2.45 35.69 22.37
N GLU A 275 2.25 36.56 21.37
CA GLU A 275 2.54 37.97 21.51
C GLU A 275 1.65 38.65 22.54
N LEU A 276 0.39 38.24 22.57
CA LEU A 276 -0.50 38.78 23.56
C LEU A 276 -0.15 38.27 24.96
N GLY A 277 0.55 37.13 25.04
CA GLY A 277 0.94 36.54 26.31
C GLY A 277 -0.13 35.63 26.88
N ILE A 278 -1.11 35.21 26.05
CA ILE A 278 -2.10 34.24 26.54
C ILE A 278 -1.49 32.84 26.48
N VAL A 279 -1.59 32.16 27.63
CA VAL A 279 -1.10 30.82 27.76
C VAL A 279 -2.03 29.84 27.06
N TYR A 280 -1.52 29.24 25.94
CA TYR A 280 -2.28 28.29 25.12
C TYR A 280 -1.76 26.86 25.21
N ALA A 281 -2.63 25.97 25.69
CA ALA A 281 -2.31 24.57 25.78
C ALA A 281 -2.78 23.92 24.50
N PRO A 282 -1.82 23.58 23.64
CA PRO A 282 -2.10 23.03 22.35
C PRO A 282 -3.11 21.91 22.33
N ASP A 283 -4.11 22.13 21.51
CA ASP A 283 -5.25 21.29 21.40
C ASP A 283 -4.97 19.81 21.31
N TYR A 284 -4.08 19.44 20.39
CA TYR A 284 -3.80 18.03 20.13
C TYR A 284 -3.15 17.23 21.24
N VAL A 285 -2.53 17.93 22.12
CA VAL A 285 -1.89 17.32 23.22
C VAL A 285 -2.88 17.19 24.35
N ILE A 286 -3.49 18.32 24.66
CA ILE A 286 -4.46 18.38 25.73
C ILE A 286 -5.73 17.58 25.50
N ASN A 287 -6.15 17.39 24.25
CA ASN A 287 -7.38 16.62 24.13
C ASN A 287 -7.13 15.15 23.82
N ALA A 288 -5.88 14.69 23.99
CA ALA A 288 -5.53 13.31 23.62
C ALA A 288 -6.10 12.14 24.45
N GLY A 289 -6.79 12.41 25.54
CA GLY A 289 -7.33 11.36 26.40
C GLY A 289 -8.09 10.26 25.68
N GLY A 290 -8.69 10.60 24.57
CA GLY A 290 -9.47 9.70 23.76
C GLY A 290 -8.66 8.63 23.03
N VAL A 291 -7.51 9.04 22.47
CA VAL A 291 -6.63 8.13 21.77
C VAL A 291 -5.95 7.27 22.80
N ILE A 292 -5.53 7.93 23.86
CA ILE A 292 -4.85 7.21 24.92
C ILE A 292 -5.75 6.10 25.43
N ASN A 293 -7.02 6.39 25.53
CA ASN A 293 -8.02 5.42 26.00
C ASN A 293 -8.21 4.22 25.04
N VAL A 294 -8.26 4.43 23.75
CA VAL A 294 -8.42 3.27 22.88
C VAL A 294 -7.17 2.45 22.82
N ALA A 295 -6.05 3.15 22.96
CA ALA A 295 -4.76 2.50 22.91
C ALA A 295 -4.56 1.55 24.09
N ASP A 296 -5.20 1.83 25.24
CA ASP A 296 -5.08 0.94 26.39
C ASP A 296 -5.72 -0.42 26.12
N GLU A 297 -6.72 -0.42 25.27
CA GLU A 297 -7.37 -1.64 24.87
C GLU A 297 -6.35 -2.65 24.36
N LEU A 298 -5.36 -2.15 23.64
CA LEU A 298 -4.31 -2.99 23.10
C LEU A 298 -3.62 -3.76 24.20
N TYR A 299 -3.68 -3.27 25.41
CA TYR A 299 -3.04 -3.98 26.51
C TYR A 299 -4.03 -4.84 27.26
N GLY A 300 -5.28 -4.84 26.85
CA GLY A 300 -6.30 -5.48 27.64
C GLY A 300 -6.87 -4.34 28.49
N TYR A 301 -7.99 -3.83 28.01
CA TYR A 301 -8.63 -2.65 28.60
C TYR A 301 -8.69 -2.59 30.12
N ASN A 302 -8.07 -1.56 30.67
CA ASN A 302 -8.16 -1.29 32.09
C ASN A 302 -8.39 0.21 32.36
N ARG A 303 -9.65 0.55 32.64
CA ARG A 303 -10.07 1.93 32.90
C ARG A 303 -9.14 2.67 33.81
N THR A 304 -8.85 2.04 34.89
CA THR A 304 -7.97 2.66 35.85
C THR A 304 -6.59 2.93 35.29
N ARG A 305 -6.09 2.02 34.45
CA ARG A 305 -4.77 2.23 33.90
C ARG A 305 -4.82 3.35 32.88
N ALA A 306 -5.87 3.32 32.09
CA ALA A 306 -6.03 4.34 31.08
C ALA A 306 -5.99 5.72 31.74
N MET A 307 -6.81 5.91 32.76
CA MET A 307 -6.82 7.19 33.46
C MET A 307 -5.44 7.60 33.89
N LYS A 308 -4.71 6.65 34.38
CA LYS A 308 -3.39 7.00 34.84
C LYS A 308 -2.53 7.42 33.68
N ARG A 309 -2.78 6.82 32.53
CA ARG A 309 -2.00 7.19 31.37
C ARG A 309 -2.27 8.64 31.07
N VAL A 310 -3.57 8.90 31.02
CA VAL A 310 -4.11 10.19 30.70
C VAL A 310 -3.54 11.25 31.63
N ASP A 311 -3.24 10.82 32.81
CA ASP A 311 -2.72 11.72 33.79
C ASP A 311 -1.43 12.41 33.35
N GLY A 312 -0.71 11.77 32.46
CA GLY A 312 0.56 12.32 32.01
C GLY A 312 0.43 13.59 31.16
N ILE A 313 -0.79 13.92 30.72
CA ILE A 313 -1.01 15.11 29.92
C ILE A 313 -0.50 16.35 30.63
N TYR A 314 -0.70 16.32 31.95
CA TYR A 314 -0.21 17.37 32.81
C TYR A 314 1.27 17.58 32.56
N ASP A 315 2.00 16.46 32.62
CA ASP A 315 3.43 16.46 32.42
C ASP A 315 3.87 16.88 31.02
N SER A 316 3.08 16.49 30.02
CA SER A 316 3.32 16.86 28.64
C SER A 316 3.13 18.37 28.43
N ILE A 317 2.04 18.92 28.96
CA ILE A 317 1.77 20.34 28.81
C ILE A 317 2.85 21.16 29.48
N GLU A 318 3.18 20.71 30.67
CA GLU A 318 4.20 21.33 31.47
C GLU A 318 5.51 21.40 30.69
N LYS A 319 5.86 20.30 30.08
CA LYS A 319 7.07 20.21 29.31
C LYS A 319 7.02 21.09 28.09
N ILE A 320 5.81 21.29 27.60
CA ILE A 320 5.60 22.12 26.43
C ILE A 320 5.94 23.58 26.74
N PHE A 321 5.61 24.01 27.95
CA PHE A 321 5.91 25.35 28.40
C PHE A 321 7.41 25.58 28.45
N ALA A 322 8.08 24.56 28.94
CA ALA A 322 9.50 24.57 29.10
C ALA A 322 10.28 24.66 27.79
N ILE A 323 9.77 23.99 26.76
CA ILE A 323 10.41 24.00 25.45
C ILE A 323 10.27 25.36 24.79
N SER A 324 9.15 25.99 25.15
CA SER A 324 8.72 27.28 24.70
C SER A 324 9.73 28.37 25.01
N LYS A 325 10.22 28.34 26.24
CA LYS A 325 11.25 29.26 26.71
C LYS A 325 12.58 28.84 26.16
N ARG A 326 12.83 27.54 26.23
CA ARG A 326 14.08 27.01 25.79
C ARG A 326 14.40 27.44 24.38
N ASP A 327 13.37 27.71 23.61
CA ASP A 327 13.63 28.12 22.24
C ASP A 327 12.94 29.40 21.87
N GLY A 328 12.29 30.01 22.87
CA GLY A 328 11.55 31.23 22.60
C GLY A 328 10.56 31.03 21.45
N VAL A 329 9.82 29.93 21.48
CA VAL A 329 8.82 29.68 20.46
C VAL A 329 7.44 29.66 21.10
N PRO A 330 6.41 29.85 20.27
CA PRO A 330 5.05 29.70 20.72
C PRO A 330 4.73 28.23 21.04
N SER A 331 3.89 28.07 22.05
CA SER A 331 3.33 26.80 22.51
C SER A 331 3.05 25.84 21.36
N TYR A 332 2.22 26.25 20.44
CA TYR A 332 1.86 25.36 19.38
C TYR A 332 3.06 24.78 18.72
N VAL A 333 4.08 25.59 18.59
CA VAL A 333 5.29 25.13 17.95
C VAL A 333 6.02 24.13 18.83
N ALA A 334 6.13 24.44 20.11
CA ALA A 334 6.80 23.53 20.99
C ALA A 334 6.13 22.14 21.02
N ALA A 335 4.82 22.07 20.79
CA ALA A 335 4.15 20.81 20.85
C ALA A 335 4.79 19.89 19.83
N ASP A 336 4.90 20.41 18.63
CA ASP A 336 5.52 19.68 17.58
C ASP A 336 6.93 19.23 17.94
N ARG A 337 7.69 20.12 18.54
CA ARG A 337 9.07 19.83 18.87
C ARG A 337 9.21 18.70 19.85
N MET A 338 8.43 18.78 20.88
CA MET A 338 8.40 17.74 21.86
C MET A 338 8.13 16.38 21.20
N ALA A 339 7.12 16.33 20.37
CA ALA A 339 6.79 15.10 19.69
C ALA A 339 7.99 14.57 18.95
N GLU A 340 8.57 15.46 18.20
CA GLU A 340 9.67 15.12 17.33
C GLU A 340 10.86 14.66 18.13
N GLU A 341 11.11 15.32 19.22
CA GLU A 341 12.23 14.96 20.03
C GLU A 341 11.99 13.62 20.66
N ARG A 342 10.74 13.32 20.98
CA ARG A 342 10.48 12.07 21.63
C ARG A 342 10.77 10.91 20.68
N ILE A 343 10.32 11.03 19.45
CA ILE A 343 10.57 10.00 18.47
C ILE A 343 12.06 9.70 18.32
N ALA A 344 12.82 10.75 18.23
CA ALA A 344 14.23 10.63 18.00
C ALA A 344 14.96 10.11 19.18
N LYS A 345 14.60 10.56 20.34
CA LYS A 345 15.32 10.08 21.49
C LYS A 345 14.96 8.64 21.80
N VAL A 346 13.69 8.30 21.79
CA VAL A 346 13.30 6.94 22.08
C VAL A 346 13.96 5.97 21.12
N ALA A 347 13.93 6.32 19.84
CA ALA A 347 14.56 5.46 18.85
C ALA A 347 16.04 5.18 19.08
N LYS A 348 16.79 6.21 19.41
CA LYS A 348 18.21 6.04 19.62
C LYS A 348 18.48 5.09 20.74
N ALA A 349 17.67 5.21 21.76
CA ALA A 349 17.91 4.45 22.96
C ALA A 349 17.33 3.03 22.93
N ARG A 350 16.84 2.59 21.74
CA ARG A 350 16.26 1.27 21.51
C ARG A 350 16.97 0.57 20.35
N SER A 351 18.18 1.00 20.03
CA SER A 351 18.90 0.48 18.88
C SER A 351 19.69 -0.80 19.14
N GLN A 352 19.60 -1.32 20.35
CA GLN A 352 20.32 -2.51 20.69
C GLN A 352 19.56 -3.72 20.16
N PHE A 353 20.31 -4.66 19.60
CA PHE A 353 19.69 -5.87 19.09
C PHE A 353 19.07 -6.74 20.18
N LEU A 354 17.85 -7.24 19.91
CA LEU A 354 17.17 -8.19 20.77
C LEU A 354 16.60 -9.26 19.88
N GLN A 355 16.76 -10.51 20.24
CA GLN A 355 16.15 -11.47 19.38
C GLN A 355 14.65 -11.53 19.59
N ASP A 356 14.18 -11.08 20.73
CA ASP A 356 12.75 -11.15 21.00
C ASP A 356 12.23 -9.87 21.61
N GLN A 357 12.30 -8.81 20.83
CA GLN A 357 11.85 -7.52 21.24
C GLN A 357 10.40 -7.57 21.64
N ARG A 358 10.05 -6.79 22.57
CA ARG A 358 8.65 -6.83 22.90
C ARG A 358 7.92 -5.58 22.33
N ASN A 359 6.63 -5.69 21.95
CA ASN A 359 5.88 -4.57 21.35
C ASN A 359 4.41 -4.52 21.76
N ILE A 360 3.78 -3.39 21.48
CA ILE A 360 2.41 -3.15 21.87
C ILE A 360 1.40 -4.15 21.34
N LEU A 361 1.78 -4.96 20.36
CA LEU A 361 0.83 -5.88 19.79
C LEU A 361 0.24 -6.81 20.80
N ASN A 362 1.13 -7.34 21.62
CA ASN A 362 0.71 -8.22 22.70
C ASN A 362 0.10 -9.53 22.20
N GLY A 363 0.68 -10.08 21.12
CA GLY A 363 0.18 -11.35 20.59
C GLY A 363 -0.58 -11.24 19.27
N ARG A 364 -1.51 -10.27 19.20
CA ARG A 364 -2.38 -9.97 18.07
C ARG A 364 -1.89 -10.32 16.64
N MET B 1 -3.86 11.57 -13.19
CA MET B 1 -4.29 10.19 -13.37
C MET B 1 -5.24 9.76 -12.26
N GLU B 2 -6.35 9.13 -12.66
CA GLU B 2 -7.37 8.67 -11.73
C GLU B 2 -7.18 7.21 -11.38
N ILE B 3 -6.43 7.02 -10.30
CA ILE B 3 -6.03 5.70 -9.87
C ILE B 3 -7.20 4.78 -9.58
N PHE B 4 -8.12 5.28 -8.77
CA PHE B 4 -9.25 4.45 -8.41
C PHE B 4 -10.03 4.05 -9.65
N LYS B 5 -10.08 4.95 -10.60
CA LYS B 5 -10.76 4.64 -11.83
C LYS B 5 -10.10 3.50 -12.59
N TYR B 6 -8.75 3.56 -12.74
CA TYR B 6 -8.06 2.48 -13.41
C TYR B 6 -8.16 1.18 -12.60
N MET B 7 -8.02 1.31 -11.28
CA MET B 7 -8.11 0.13 -10.43
C MET B 7 -9.44 -0.55 -10.58
N GLU B 8 -10.48 0.24 -10.52
CA GLU B 8 -11.79 -0.34 -10.63
C GLU B 8 -12.05 -1.00 -11.97
N LYS B 9 -11.58 -0.32 -13.01
CA LYS B 9 -11.74 -0.80 -14.36
C LYS B 9 -11.35 -2.26 -14.48
N TYR B 10 -10.22 -2.65 -13.91
CA TYR B 10 -9.85 -4.05 -13.99
C TYR B 10 -9.95 -4.79 -12.65
N ASP B 11 -10.50 -4.13 -11.64
CA ASP B 11 -10.61 -4.68 -10.30
C ASP B 11 -9.27 -5.04 -9.67
N TYR B 12 -8.35 -4.07 -9.63
CA TYR B 12 -7.07 -4.28 -8.98
C TYR B 12 -7.32 -4.33 -7.50
N GLU B 13 -6.56 -5.17 -6.81
CA GLU B 13 -6.66 -5.28 -5.37
C GLU B 13 -5.97 -4.14 -4.68
N GLN B 14 -4.67 -4.01 -4.92
CA GLN B 14 -3.97 -2.97 -4.22
C GLN B 14 -2.90 -2.26 -5.04
N LEU B 15 -2.59 -1.04 -4.61
CA LEU B 15 -1.53 -0.26 -5.18
C LEU B 15 -0.75 0.30 -4.00
N VAL B 16 0.51 -0.12 -3.87
CA VAL B 16 1.29 0.27 -2.70
C VAL B 16 2.48 1.17 -3.00
N PHE B 17 2.45 2.41 -2.49
CA PHE B 17 3.57 3.34 -2.62
C PHE B 17 4.42 3.25 -1.35
N CYS B 18 5.71 2.91 -1.55
CA CYS B 18 6.74 2.81 -0.51
C CYS B 18 7.79 3.88 -0.72
N GLN B 19 8.12 4.60 0.33
CA GLN B 19 9.09 5.65 0.21
C GLN B 19 10.05 5.62 1.39
N ASP B 20 11.32 5.90 1.13
CA ASP B 20 12.31 6.00 2.19
C ASP B 20 13.30 7.06 1.85
N GLU B 21 13.09 8.19 2.47
CA GLU B 21 13.86 9.33 2.14
C GLU B 21 15.35 9.11 2.25
N ALA B 22 15.74 8.62 3.39
CA ALA B 22 17.13 8.37 3.64
C ALA B 22 17.79 7.63 2.51
N SER B 23 17.12 6.60 1.98
CA SER B 23 17.73 5.76 0.96
C SER B 23 17.42 6.20 -0.43
N GLY B 24 16.43 7.08 -0.54
CA GLY B 24 16.00 7.53 -1.83
C GLY B 24 15.06 6.54 -2.50
N LEU B 25 14.58 5.57 -1.73
CA LEU B 25 13.64 4.58 -2.26
C LEU B 25 12.32 5.23 -2.68
N LYS B 26 11.90 4.93 -3.91
CA LYS B 26 10.61 5.31 -4.41
C LYS B 26 10.13 4.12 -5.18
N ALA B 27 9.11 3.41 -4.68
CA ALA B 27 8.65 2.23 -5.39
C ALA B 27 7.16 2.10 -5.31
N VAL B 28 6.66 1.41 -6.30
CA VAL B 28 5.25 1.12 -6.41
C VAL B 28 5.05 -0.36 -6.57
N ILE B 29 4.27 -0.96 -5.66
CA ILE B 29 3.93 -2.36 -5.75
C ILE B 29 2.48 -2.45 -6.13
N ALA B 30 2.25 -3.05 -7.28
CA ALA B 30 0.91 -3.23 -7.78
C ALA B 30 0.47 -4.69 -7.63
N ILE B 31 -0.71 -4.89 -7.05
CA ILE B 31 -1.25 -6.23 -6.89
C ILE B 31 -2.59 -6.27 -7.56
N HIS B 32 -2.62 -6.95 -8.69
CA HIS B 32 -3.80 -7.06 -9.51
C HIS B 32 -4.82 -8.02 -8.94
N ASP B 33 -4.46 -9.30 -8.91
CA ASP B 33 -5.35 -10.35 -8.44
C ASP B 33 -4.60 -11.42 -7.65
N THR B 34 -5.18 -11.84 -6.51
CA THR B 34 -4.61 -12.90 -5.68
C THR B 34 -5.60 -14.02 -5.43
N THR B 35 -6.49 -14.18 -6.38
CA THR B 35 -7.47 -15.24 -6.27
C THR B 35 -6.80 -16.62 -6.20
N LEU B 36 -5.83 -16.87 -7.06
CA LEU B 36 -5.23 -18.21 -7.09
C LEU B 36 -4.16 -18.41 -6.05
N GLY B 37 -3.64 -17.31 -5.49
CA GLY B 37 -2.55 -17.39 -4.53
C GLY B 37 -1.82 -16.09 -4.44
N PRO B 38 -0.70 -16.06 -3.71
CA PRO B 38 0.07 -14.85 -3.56
C PRO B 38 0.49 -14.32 -4.92
N ALA B 39 0.67 -13.01 -5.01
CA ALA B 39 1.10 -12.40 -6.23
C ALA B 39 2.58 -12.56 -6.40
N LEU B 40 2.95 -13.07 -7.58
CA LEU B 40 4.34 -13.20 -7.92
C LEU B 40 4.62 -12.28 -9.09
N GLY B 41 5.67 -11.45 -8.96
CA GLY B 41 6.08 -10.52 -10.01
C GLY B 41 7.43 -9.88 -9.72
N GLY B 42 8.22 -9.76 -10.77
CA GLY B 42 9.54 -9.17 -10.67
C GLY B 42 9.53 -7.71 -10.25
N ALA B 43 10.67 -7.28 -9.75
CA ALA B 43 10.88 -5.91 -9.34
C ALA B 43 11.73 -5.21 -10.37
N ARG B 44 11.21 -4.18 -10.97
CA ARG B 44 12.08 -3.52 -11.89
C ARG B 44 12.46 -2.13 -11.49
N MET B 45 13.68 -1.80 -11.86
CA MET B 45 14.18 -0.49 -11.57
C MET B 45 14.48 0.27 -12.84
N TRP B 46 13.86 1.44 -12.98
CA TRP B 46 13.99 2.19 -14.21
C TRP B 46 13.69 3.64 -14.02
N THR B 47 14.22 4.44 -14.94
CA THR B 47 14.04 5.89 -14.92
C THR B 47 12.70 6.28 -15.42
N TYR B 48 12.12 7.18 -14.66
CA TYR B 48 10.81 7.67 -14.95
C TYR B 48 10.77 9.17 -14.74
N ASN B 49 10.37 9.81 -15.82
CA ASN B 49 10.19 11.21 -16.02
C ASN B 49 8.96 11.68 -15.23
N ALA B 50 7.83 10.98 -15.43
CA ALA B 50 6.56 11.23 -14.77
C ALA B 50 6.18 10.11 -13.80
N GLU B 51 5.64 10.48 -12.64
CA GLU B 51 5.16 9.49 -11.66
C GLU B 51 4.20 8.57 -12.40
N GLU B 52 3.30 9.23 -13.10
CA GLU B 52 2.25 8.59 -13.81
C GLU B 52 2.74 7.49 -14.69
N GLU B 53 3.91 7.68 -15.23
CA GLU B 53 4.49 6.68 -16.09
C GLU B 53 4.70 5.41 -15.32
N ALA B 54 5.38 5.59 -14.18
CA ALA B 54 5.73 4.47 -13.34
C ALA B 54 4.46 3.75 -12.82
N ILE B 55 3.51 4.55 -12.35
CA ILE B 55 2.28 4.01 -11.84
C ILE B 55 1.56 3.16 -12.86
N GLU B 56 1.54 3.66 -14.05
CA GLU B 56 0.84 2.97 -15.12
C GLU B 56 1.50 1.66 -15.49
N ASP B 57 2.82 1.70 -15.58
CA ASP B 57 3.60 0.55 -15.91
C ASP B 57 3.38 -0.56 -14.89
N ALA B 58 3.44 -0.14 -13.63
CA ALA B 58 3.26 -1.09 -12.55
C ALA B 58 1.93 -1.85 -12.71
N LEU B 59 0.87 -1.03 -12.85
CA LEU B 59 -0.48 -1.51 -13.01
C LEU B 59 -0.58 -2.45 -14.16
N ARG B 60 0.04 -2.01 -15.21
CA ARG B 60 0.03 -2.72 -16.44
C ARG B 60 0.72 -4.07 -16.38
N LEU B 61 1.95 -4.05 -15.88
CA LEU B 61 2.72 -5.26 -15.77
C LEU B 61 2.09 -6.26 -14.77
N ALA B 62 1.56 -5.74 -13.65
CA ALA B 62 0.94 -6.64 -12.67
C ALA B 62 -0.21 -7.41 -13.27
N ARG B 63 -1.04 -6.70 -14.03
CA ARG B 63 -2.16 -7.36 -14.65
C ARG B 63 -1.72 -8.49 -15.58
N GLY B 64 -0.61 -8.25 -16.26
CA GLY B 64 -0.05 -9.23 -17.17
C GLY B 64 0.40 -10.49 -16.47
N MET B 65 0.97 -10.31 -15.28
CA MET B 65 1.42 -11.43 -14.51
C MET B 65 0.22 -12.27 -14.11
N THR B 66 -0.92 -11.61 -13.82
CA THR B 66 -2.10 -12.39 -13.45
C THR B 66 -2.35 -13.43 -14.52
N TYR B 67 -2.38 -12.94 -15.77
CA TYR B 67 -2.66 -13.79 -16.94
C TYR B 67 -1.61 -14.84 -17.18
N LYS B 68 -0.38 -14.41 -17.09
CA LYS B 68 0.73 -15.31 -17.32
C LYS B 68 0.80 -16.47 -16.33
N ASN B 69 0.63 -16.14 -15.05
CA ASN B 69 0.71 -17.14 -14.00
C ASN B 69 -0.45 -18.11 -14.10
N ALA B 70 -1.64 -17.55 -14.30
CA ALA B 70 -2.80 -18.39 -14.44
C ALA B 70 -2.64 -19.37 -15.57
N ALA B 71 -2.44 -18.82 -16.78
CA ALA B 71 -2.29 -19.62 -17.98
C ALA B 71 -1.20 -20.65 -17.83
N ALA B 72 -0.19 -20.30 -17.08
CA ALA B 72 0.93 -21.21 -16.87
C ALA B 72 0.57 -22.37 -15.96
N GLY B 73 -0.62 -22.33 -15.41
CA GLY B 73 -1.08 -23.37 -14.52
C GLY B 73 -0.60 -23.21 -13.08
N LEU B 74 -0.08 -22.04 -12.75
CA LEU B 74 0.47 -21.85 -11.42
C LEU B 74 -0.58 -21.36 -10.44
N ASN B 75 -0.34 -21.63 -9.16
CA ASN B 75 -1.23 -21.18 -8.11
C ASN B 75 -0.67 -19.92 -7.50
N LEU B 76 -0.60 -18.87 -8.32
CA LEU B 76 -0.08 -17.59 -7.93
C LEU B 76 -0.85 -16.53 -8.65
N GLY B 77 -1.01 -15.36 -8.04
CA GLY B 77 -1.68 -14.21 -8.63
C GLY B 77 -0.71 -13.28 -9.36
N GLY B 78 -1.16 -12.07 -9.71
CA GLY B 78 -0.29 -11.20 -10.45
C GLY B 78 0.07 -9.91 -9.74
N GLY B 79 1.38 -9.64 -9.68
CA GLY B 79 1.86 -8.44 -9.03
C GLY B 79 3.13 -7.95 -9.71
N LYS B 80 3.59 -6.78 -9.32
CA LYS B 80 4.79 -6.23 -9.88
C LYS B 80 5.29 -5.03 -9.10
N THR B 81 6.61 -4.91 -8.99
CA THR B 81 7.20 -3.73 -8.38
C THR B 81 7.94 -2.86 -9.38
N VAL B 82 7.75 -1.56 -9.24
CA VAL B 82 8.45 -0.58 -10.04
C VAL B 82 9.24 0.33 -9.13
N ILE B 83 10.57 0.28 -9.29
CA ILE B 83 11.40 1.13 -8.47
C ILE B 83 11.85 2.29 -9.33
N ILE B 84 11.49 3.50 -8.93
CA ILE B 84 11.87 4.64 -9.76
C ILE B 84 13.29 5.07 -9.57
N GLY B 85 14.15 4.85 -10.58
CA GLY B 85 15.53 5.29 -10.43
C GLY B 85 16.43 4.70 -11.48
N ASP B 86 17.67 5.26 -11.56
CA ASP B 86 18.69 4.85 -12.52
C ASP B 86 19.44 3.65 -12.00
N PRO B 87 19.18 2.51 -12.62
CA PRO B 87 19.79 1.26 -12.21
C PRO B 87 21.29 1.34 -12.32
N PHE B 88 21.74 2.06 -13.32
CA PHE B 88 23.15 2.20 -13.52
C PHE B 88 23.79 3.08 -12.48
N ALA B 89 23.03 4.05 -11.96
CA ALA B 89 23.72 4.98 -11.08
C ALA B 89 23.13 5.17 -9.69
N ASP B 90 21.85 4.78 -9.51
CA ASP B 90 21.19 5.10 -8.28
C ASP B 90 21.18 4.03 -7.16
N LYS B 91 21.58 2.82 -7.45
CA LYS B 91 21.49 1.80 -6.43
C LYS B 91 22.32 1.96 -5.18
N ASN B 92 21.78 1.41 -4.10
CA ASN B 92 22.45 1.34 -2.80
C ASN B 92 21.88 0.18 -1.99
N GLU B 93 22.60 -0.23 -0.91
CA GLU B 93 22.19 -1.33 -0.04
C GLU B 93 20.90 -1.00 0.72
N ASP B 94 20.91 0.16 1.33
CA ASP B 94 19.89 0.66 2.19
C ASP B 94 18.50 0.66 1.53
N MET B 95 18.45 1.00 0.24
CA MET B 95 17.19 1.04 -0.44
C MET B 95 16.51 -0.33 -0.59
N PHE B 96 17.31 -1.34 -0.80
CA PHE B 96 16.83 -2.70 -0.96
C PHE B 96 16.46 -3.30 0.38
N ARG B 97 17.17 -2.89 1.45
CA ARG B 97 16.81 -3.32 2.80
C ARG B 97 15.43 -2.76 3.12
N ALA B 98 15.19 -1.48 2.81
CA ALA B 98 13.91 -0.88 3.08
C ALA B 98 12.80 -1.55 2.32
N LEU B 99 13.00 -1.73 1.01
CA LEU B 99 12.00 -2.37 0.19
C LEU B 99 11.67 -3.76 0.73
N GLY B 100 12.70 -4.47 1.16
CA GLY B 100 12.57 -5.80 1.70
C GLY B 100 11.66 -5.79 2.91
N ARG B 101 11.80 -4.78 3.74
CA ARG B 101 10.97 -4.63 4.89
C ARG B 101 9.53 -4.34 4.50
N PHE B 102 9.32 -3.49 3.53
CA PHE B 102 7.97 -3.24 3.11
C PHE B 102 7.33 -4.51 2.60
N ILE B 103 8.11 -5.31 1.90
CA ILE B 103 7.60 -6.53 1.35
C ILE B 103 7.24 -7.53 2.46
N GLN B 104 8.07 -7.59 3.48
CA GLN B 104 7.80 -8.46 4.62
C GLN B 104 6.51 -8.00 5.28
N GLY B 105 6.27 -6.69 5.22
CA GLY B 105 5.08 -6.07 5.79
C GLY B 105 3.80 -6.36 5.01
N LEU B 106 3.89 -7.04 3.89
CA LEU B 106 2.70 -7.40 3.13
C LEU B 106 2.36 -8.85 3.41
N ASN B 107 3.24 -9.50 4.19
CA ASN B 107 3.04 -10.85 4.72
C ASN B 107 2.65 -11.95 3.75
N GLY B 108 3.35 -12.08 2.64
CA GLY B 108 3.06 -13.18 1.76
C GLY B 108 2.05 -12.88 0.67
N ARG B 109 1.42 -11.70 0.70
CA ARG B 109 0.49 -11.33 -0.37
C ARG B 109 1.26 -11.05 -1.67
N TYR B 110 2.59 -10.83 -1.56
CA TYR B 110 3.45 -10.52 -2.67
C TYR B 110 4.86 -11.12 -2.62
N ILE B 111 5.20 -11.83 -3.69
CA ILE B 111 6.52 -12.42 -3.76
C ILE B 111 7.31 -11.74 -4.88
N THR B 112 8.57 -11.35 -4.64
CA THR B 112 9.38 -10.66 -5.65
C THR B 112 10.46 -11.52 -6.34
N ALA B 113 11.13 -10.97 -7.34
CA ALA B 113 12.15 -11.62 -8.13
C ALA B 113 12.86 -10.59 -8.96
N GLU B 114 14.04 -10.95 -9.50
CA GLU B 114 14.80 -10.08 -10.40
C GLU B 114 14.09 -9.69 -11.74
N ASP B 115 14.47 -8.52 -12.27
CA ASP B 115 13.85 -8.09 -13.54
C ASP B 115 14.71 -7.02 -14.21
N VAL B 116 14.10 -6.18 -15.05
CA VAL B 116 14.86 -5.13 -15.68
C VAL B 116 15.38 -4.23 -14.62
N GLY B 117 16.70 -4.11 -14.55
CA GLY B 117 17.30 -3.16 -13.62
C GLY B 117 17.77 -3.74 -12.31
N THR B 118 17.33 -4.95 -12.04
CA THR B 118 17.74 -5.57 -10.80
C THR B 118 18.54 -6.81 -11.04
N THR B 119 19.35 -7.19 -10.05
CA THR B 119 20.19 -8.37 -10.13
C THR B 119 19.97 -9.33 -8.94
N VAL B 120 20.62 -10.52 -8.97
CA VAL B 120 20.51 -11.43 -7.83
C VAL B 120 21.13 -10.81 -6.64
N ASP B 121 22.05 -9.89 -6.86
CA ASP B 121 22.64 -9.21 -5.73
C ASP B 121 21.61 -8.35 -5.01
N ASP B 122 20.74 -7.69 -5.77
CA ASP B 122 19.70 -6.86 -5.22
C ASP B 122 18.69 -7.67 -4.40
N MET B 123 18.36 -8.86 -4.92
CA MET B 123 17.43 -9.76 -4.32
C MET B 123 17.95 -10.34 -3.05
N ASP B 124 19.28 -10.46 -2.98
CA ASP B 124 19.95 -10.98 -1.80
C ASP B 124 19.81 -10.04 -0.65
N LEU B 125 19.88 -8.75 -0.96
CA LEU B 125 19.73 -7.74 0.06
C LEU B 125 18.29 -7.74 0.57
N ILE B 126 17.32 -7.85 -0.36
CA ILE B 126 15.89 -7.97 -0.04
C ILE B 126 15.69 -9.18 0.88
N HIS B 127 16.36 -10.25 0.50
CA HIS B 127 16.35 -11.49 1.24
C HIS B 127 16.79 -11.37 2.68
N GLN B 128 17.63 -10.38 3.03
CA GLN B 128 18.01 -10.22 4.42
C GLN B 128 16.81 -9.80 5.28
N GLU B 129 15.77 -9.28 4.64
CA GLU B 129 14.62 -8.82 5.37
C GLU B 129 13.36 -9.65 5.19
N THR B 130 13.33 -10.57 4.23
CA THR B 130 12.13 -11.32 3.95
C THR B 130 12.41 -12.59 3.20
N ASP B 131 11.48 -13.53 3.33
CA ASP B 131 11.57 -14.75 2.57
C ASP B 131 10.70 -14.67 1.33
N TYR B 132 9.99 -13.57 1.18
CA TYR B 132 9.09 -13.42 0.04
C TYR B 132 9.81 -12.94 -1.21
N VAL B 133 10.79 -13.70 -1.59
CA VAL B 133 11.59 -13.38 -2.74
C VAL B 133 12.03 -14.66 -3.39
N THR B 134 12.10 -14.63 -4.67
CA THR B 134 12.49 -15.86 -5.31
C THR B 134 13.65 -15.70 -6.28
N GLY B 135 14.25 -16.81 -6.66
CA GLY B 135 15.39 -16.77 -7.57
C GLY B 135 16.71 -16.50 -6.86
N ILE B 136 16.76 -16.86 -5.60
CA ILE B 136 17.97 -16.63 -4.85
C ILE B 136 18.56 -17.88 -4.18
N SER B 137 17.85 -19.01 -4.24
CA SER B 137 18.32 -20.24 -3.61
C SER B 137 19.64 -20.72 -4.17
N PRO B 138 20.45 -21.30 -3.29
CA PRO B 138 21.74 -21.79 -3.72
C PRO B 138 21.59 -22.81 -4.86
N ALA B 139 20.63 -23.73 -4.72
CA ALA B 139 20.34 -24.76 -5.70
C ALA B 139 19.81 -24.19 -7.01
N PHE B 140 18.96 -23.19 -6.87
CA PHE B 140 18.39 -22.55 -8.03
C PHE B 140 19.50 -22.06 -8.94
N GLY B 141 20.42 -21.37 -8.27
CA GLY B 141 21.64 -20.81 -8.86
C GLY B 141 22.53 -21.91 -9.42
N SER B 142 22.49 -23.05 -8.74
CA SER B 142 23.29 -24.19 -9.18
C SER B 142 22.64 -24.90 -10.38
N SER B 143 21.30 -24.82 -10.52
CA SER B 143 20.64 -25.62 -11.56
C SER B 143 19.33 -25.10 -12.15
N GLY B 144 19.17 -23.80 -12.20
CA GLY B 144 17.95 -23.32 -12.77
C GLY B 144 18.22 -22.21 -13.75
N ASN B 145 19.40 -22.19 -14.40
CA ASN B 145 19.71 -21.15 -15.38
C ASN B 145 18.47 -20.89 -16.24
N PRO B 146 17.83 -19.72 -15.96
CA PRO B 146 16.60 -19.35 -16.63
C PRO B 146 16.52 -19.61 -18.14
N SER B 147 17.57 -19.16 -18.85
CA SER B 147 17.66 -19.24 -20.29
C SER B 147 17.33 -20.62 -20.83
N PRO B 148 18.19 -21.55 -20.41
CA PRO B 148 17.99 -22.92 -20.78
C PRO B 148 16.49 -23.33 -20.76
N VAL B 149 15.84 -22.99 -19.66
CA VAL B 149 14.46 -23.34 -19.46
C VAL B 149 13.46 -22.57 -20.27
N THR B 150 13.63 -21.29 -20.30
CA THR B 150 12.72 -20.52 -21.08
C THR B 150 12.77 -20.99 -22.50
N ALA B 151 14.02 -21.24 -22.91
CA ALA B 151 14.30 -21.72 -24.26
C ALA B 151 13.52 -22.98 -24.51
N TYR B 152 13.65 -23.91 -23.58
CA TYR B 152 12.94 -25.16 -23.61
C TYR B 152 11.47 -24.93 -23.82
N GLY B 153 10.93 -23.97 -23.08
CA GLY B 153 9.51 -23.65 -23.17
C GLY B 153 9.04 -23.20 -24.55
N VAL B 154 9.83 -22.33 -25.20
CA VAL B 154 9.50 -21.85 -26.53
C VAL B 154 9.51 -22.97 -27.57
N TYR B 155 10.49 -23.86 -27.43
CA TYR B 155 10.63 -25.06 -28.20
C TYR B 155 9.33 -25.92 -28.28
N ARG B 156 8.90 -26.37 -27.10
CA ARG B 156 7.70 -27.18 -26.98
C ARG B 156 6.48 -26.47 -27.52
N GLY B 157 6.38 -25.21 -27.16
CA GLY B 157 5.27 -24.44 -27.66
C GLY B 157 5.35 -24.40 -29.18
N MET B 158 6.58 -24.42 -29.72
CA MET B 158 6.78 -24.39 -31.15
C MET B 158 6.24 -25.64 -31.81
N LYS B 159 6.52 -26.78 -31.20
CA LYS B 159 6.05 -28.04 -31.70
C LYS B 159 4.53 -28.15 -31.65
N ALA B 160 3.92 -27.80 -30.53
CA ALA B 160 2.49 -27.86 -30.52
C ALA B 160 1.94 -26.96 -31.63
N ALA B 161 2.76 -25.97 -31.96
CA ALA B 161 2.40 -25.00 -32.99
C ALA B 161 2.47 -25.60 -34.38
N ALA B 162 3.58 -26.29 -34.68
CA ALA B 162 3.72 -26.96 -35.97
C ALA B 162 2.49 -27.82 -36.15
N LYS B 163 2.25 -28.62 -35.13
CA LYS B 163 1.08 -29.46 -35.08
C LYS B 163 -0.16 -28.92 -35.81
N GLU B 164 -0.61 -27.72 -35.44
CA GLU B 164 -1.82 -27.17 -35.99
C GLU B 164 -1.62 -26.65 -37.42
N ALA B 165 -0.40 -26.21 -37.69
CA ALA B 165 -0.12 -25.67 -38.98
C ALA B 165 0.36 -26.75 -39.90
N PHE B 166 1.61 -27.13 -39.64
CA PHE B 166 2.25 -28.11 -40.45
C PHE B 166 1.90 -29.56 -40.04
N GLY B 167 0.58 -29.88 -40.00
CA GLY B 167 0.06 -31.23 -39.71
C GLY B 167 0.67 -31.99 -38.53
N SER B 168 1.93 -32.39 -38.68
CA SER B 168 2.64 -33.12 -37.64
C SER B 168 3.15 -32.17 -36.59
N ASP B 169 4.07 -32.66 -35.79
CA ASP B 169 4.70 -31.86 -34.77
C ASP B 169 6.20 -31.94 -34.79
N SER B 170 6.72 -32.54 -35.86
CA SER B 170 8.17 -32.66 -35.97
C SER B 170 8.75 -31.39 -36.57
N LEU B 171 9.92 -31.01 -36.10
CA LEU B 171 10.58 -29.80 -36.58
C LEU B 171 11.46 -30.13 -37.76
N GLU B 172 11.50 -31.44 -38.00
CA GLU B 172 12.26 -32.03 -39.05
C GLU B 172 12.00 -31.42 -40.42
N GLY B 173 13.11 -31.02 -41.03
CA GLY B 173 13.06 -30.40 -42.31
C GLY B 173 13.01 -28.91 -42.10
N LEU B 174 11.86 -28.49 -41.55
CA LEU B 174 11.52 -27.10 -41.25
C LEU B 174 12.62 -26.03 -41.27
N ALA B 175 12.28 -24.93 -41.95
CA ALA B 175 13.12 -23.75 -42.09
C ALA B 175 12.56 -22.67 -41.18
N VAL B 176 13.39 -22.20 -40.25
CA VAL B 176 12.94 -21.26 -39.25
C VAL B 176 13.77 -19.97 -39.16
N SER B 177 13.06 -18.84 -39.14
CA SER B 177 13.68 -17.53 -38.98
C SER B 177 13.84 -17.21 -37.52
N VAL B 178 15.05 -16.94 -37.12
CA VAL B 178 15.27 -16.61 -35.73
C VAL B 178 15.72 -15.18 -35.55
N GLN B 179 14.78 -14.33 -35.25
CA GLN B 179 15.05 -12.92 -35.06
C GLN B 179 15.56 -12.58 -33.65
N GLY B 180 16.85 -12.32 -33.53
CA GLY B 180 17.40 -12.03 -32.23
C GLY B 180 18.16 -13.26 -31.80
N LEU B 181 19.38 -13.09 -31.24
CA LEU B 181 20.24 -14.24 -30.91
C LEU B 181 20.84 -14.15 -29.54
N GLY B 182 20.10 -13.61 -28.58
CA GLY B 182 20.61 -13.57 -27.23
C GLY B 182 20.53 -14.98 -26.68
N ASN B 183 20.96 -15.13 -25.44
CA ASN B 183 21.02 -16.44 -24.79
C ASN B 183 19.84 -17.39 -25.03
N VAL B 184 18.67 -16.90 -24.75
CA VAL B 184 17.50 -17.74 -24.92
C VAL B 184 17.41 -18.24 -26.34
N ALA B 185 17.74 -17.34 -27.27
CA ALA B 185 17.68 -17.64 -28.69
C ALA B 185 18.65 -18.72 -29.10
N LYS B 186 19.89 -18.63 -28.59
CA LYS B 186 20.92 -19.59 -28.90
C LYS B 186 20.38 -20.99 -28.64
N ALA B 187 19.99 -21.18 -27.38
CA ALA B 187 19.43 -22.44 -26.96
C ALA B 187 18.33 -22.92 -27.87
N LEU B 188 17.41 -22.03 -28.18
CA LEU B 188 16.30 -22.36 -29.05
C LEU B 188 16.86 -22.92 -30.34
N CYS B 189 18.02 -22.43 -30.63
CA CYS B 189 18.67 -22.81 -31.84
C CYS B 189 19.33 -24.14 -31.69
N LYS B 190 19.94 -24.34 -30.54
CA LYS B 190 20.62 -25.61 -30.27
C LYS B 190 19.64 -26.75 -30.37
N LYS B 191 18.48 -26.47 -29.82
CA LYS B 191 17.43 -27.43 -29.78
C LYS B 191 16.83 -27.66 -31.13
N LEU B 192 16.85 -26.57 -31.88
CA LEU B 192 16.30 -26.56 -33.20
C LEU B 192 17.25 -27.20 -34.20
N ASN B 193 18.55 -27.02 -33.95
CA ASN B 193 19.59 -27.63 -34.79
C ASN B 193 19.60 -29.14 -34.66
N THR B 194 19.62 -29.56 -33.39
CA THR B 194 19.63 -30.93 -32.98
C THR B 194 18.24 -31.56 -33.13
N GLU B 195 17.67 -31.44 -34.33
CA GLU B 195 16.34 -31.97 -34.61
C GLU B 195 16.07 -32.03 -36.11
N GLY B 196 17.04 -31.56 -36.90
CA GLY B 196 16.88 -31.59 -38.33
C GLY B 196 16.08 -30.42 -38.87
N ALA B 197 16.38 -29.25 -38.33
CA ALA B 197 15.75 -28.06 -38.86
C ALA B 197 16.79 -27.01 -39.22
N LYS B 198 16.44 -26.21 -40.24
CA LYS B 198 17.32 -25.20 -40.80
C LYS B 198 16.91 -23.79 -40.46
N LEU B 199 17.94 -22.99 -40.16
CA LEU B 199 17.72 -21.66 -39.65
C LEU B 199 18.33 -20.48 -40.33
N VAL B 200 17.45 -19.55 -40.68
CA VAL B 200 17.83 -18.28 -41.22
C VAL B 200 17.82 -17.40 -40.01
N VAL B 201 18.93 -16.76 -39.70
CA VAL B 201 18.99 -15.99 -38.49
C VAL B 201 19.44 -14.54 -38.67
N THR B 202 19.05 -13.69 -37.72
CA THR B 202 19.45 -12.30 -37.72
C THR B 202 19.73 -11.70 -36.34
N ASP B 203 20.29 -10.50 -36.34
CA ASP B 203 20.63 -9.83 -35.11
C ASP B 203 21.37 -8.53 -35.41
N VAL B 204 21.57 -7.70 -34.38
CA VAL B 204 22.38 -6.50 -34.55
C VAL B 204 23.79 -6.78 -34.10
N ASN B 205 23.96 -7.85 -33.33
CA ASN B 205 25.28 -8.17 -32.89
C ASN B 205 25.98 -9.16 -33.80
N LYS B 206 27.00 -8.66 -34.48
CA LYS B 206 27.75 -9.46 -35.41
C LYS B 206 28.28 -10.73 -34.81
N ALA B 207 29.03 -10.60 -33.74
CA ALA B 207 29.57 -11.77 -33.07
C ALA B 207 28.50 -12.84 -33.01
N ALA B 208 27.42 -12.51 -32.30
CA ALA B 208 26.27 -13.39 -32.13
C ALA B 208 25.95 -14.14 -33.41
N VAL B 209 25.79 -13.40 -34.51
CA VAL B 209 25.49 -14.01 -35.78
C VAL B 209 26.47 -15.14 -36.14
N SER B 210 27.77 -14.86 -35.96
CA SER B 210 28.79 -15.84 -36.26
C SER B 210 28.61 -17.14 -35.47
N ALA B 211 28.53 -17.01 -34.15
CA ALA B 211 28.34 -18.13 -33.24
C ALA B 211 27.28 -19.11 -33.71
N ALA B 212 26.15 -18.57 -34.16
CA ALA B 212 25.07 -19.41 -34.62
C ALA B 212 25.43 -20.06 -35.94
N VAL B 213 25.87 -19.24 -36.90
CA VAL B 213 26.26 -19.75 -38.19
C VAL B 213 27.25 -20.91 -38.02
N ALA B 214 28.35 -20.62 -37.28
CA ALA B 214 29.36 -21.61 -36.97
C ALA B 214 28.68 -22.81 -36.35
N GLU B 215 28.39 -22.64 -35.09
CA GLU B 215 27.74 -23.66 -34.31
C GLU B 215 26.68 -24.50 -35.03
N GLU B 216 25.80 -23.76 -35.83
CA GLU B 216 24.72 -24.56 -36.39
C GLU B 216 24.38 -24.42 -37.86
N GLY B 217 25.36 -24.11 -38.74
CA GLY B 217 25.05 -24.05 -40.17
C GLY B 217 23.78 -23.25 -40.45
N ALA B 218 23.82 -21.98 -40.06
CA ALA B 218 22.69 -21.08 -40.21
C ALA B 218 22.99 -19.90 -41.14
N ASP B 219 22.01 -19.50 -41.95
CA ASP B 219 22.17 -18.39 -42.87
C ASP B 219 21.83 -17.09 -42.20
N ALA B 220 22.84 -16.22 -42.10
CA ALA B 220 22.69 -14.90 -41.49
C ALA B 220 22.19 -13.89 -42.51
N VAL B 221 21.00 -13.36 -42.23
CA VAL B 221 20.34 -12.39 -43.09
C VAL B 221 20.35 -10.99 -42.46
N ALA B 222 19.98 -9.99 -43.25
CA ALA B 222 19.96 -8.61 -42.81
C ALA B 222 18.80 -8.32 -41.85
N PRO B 223 19.19 -7.68 -40.73
CA PRO B 223 18.28 -7.29 -39.69
C PRO B 223 16.93 -6.77 -40.12
N ASN B 224 16.83 -6.27 -41.36
CA ASN B 224 15.58 -5.66 -41.80
C ASN B 224 14.76 -6.41 -42.87
N ALA B 225 15.19 -7.62 -43.23
CA ALA B 225 14.53 -8.41 -44.26
C ALA B 225 14.01 -9.74 -43.76
N ILE B 226 14.30 -9.97 -42.50
CA ILE B 226 13.95 -11.18 -41.83
C ILE B 226 12.47 -11.57 -41.99
N TYR B 227 11.60 -10.59 -41.92
CA TYR B 227 10.20 -10.84 -42.04
C TYR B 227 9.90 -11.50 -43.36
N GLY B 228 10.54 -10.93 -44.38
CA GLY B 228 10.46 -11.29 -45.79
C GLY B 228 10.76 -12.75 -46.14
N VAL B 229 11.89 -13.25 -45.65
CA VAL B 229 12.29 -14.61 -45.96
C VAL B 229 11.17 -15.67 -46.02
N THR B 230 11.37 -16.66 -46.89
CA THR B 230 10.42 -17.76 -47.02
C THR B 230 10.88 -18.85 -46.09
N CYS B 231 10.18 -18.92 -44.96
CA CYS B 231 10.44 -19.88 -43.93
C CYS B 231 9.16 -20.53 -43.47
N ASP B 232 9.31 -21.61 -42.75
CA ASP B 232 8.12 -22.25 -42.26
C ASP B 232 7.60 -21.52 -41.02
N ILE B 233 8.55 -21.18 -40.14
CA ILE B 233 8.26 -20.52 -38.88
C ILE B 233 9.15 -19.31 -38.59
N PHE B 234 8.52 -18.25 -38.03
CA PHE B 234 9.16 -17.00 -37.58
C PHE B 234 9.25 -16.92 -36.03
N ALA B 235 10.46 -16.99 -35.46
CA ALA B 235 10.60 -16.96 -34.00
C ALA B 235 11.19 -15.67 -33.47
N PRO B 236 10.32 -14.74 -33.18
CA PRO B 236 10.70 -13.44 -32.66
C PRO B 236 11.24 -13.55 -31.25
N CYS B 237 12.53 -13.37 -31.13
CA CYS B 237 13.17 -13.51 -29.83
C CYS B 237 13.99 -12.31 -29.40
N ALA B 238 13.53 -11.12 -29.77
CA ALA B 238 14.27 -9.92 -29.41
C ALA B 238 13.41 -8.85 -28.74
N LEU B 239 12.97 -7.89 -29.54
CA LEU B 239 12.14 -6.78 -29.10
C LEU B 239 10.67 -7.03 -29.38
N GLY B 240 9.84 -6.16 -28.83
CA GLY B 240 8.41 -6.26 -29.00
C GLY B 240 7.87 -5.57 -30.23
N ALA B 241 6.55 -5.59 -30.31
CA ALA B 241 5.75 -5.00 -31.35
C ALA B 241 6.21 -5.33 -32.75
N VAL B 242 7.08 -6.31 -32.88
CA VAL B 242 7.54 -6.68 -34.20
C VAL B 242 6.39 -7.07 -35.11
N LEU B 243 5.23 -7.36 -34.55
CA LEU B 243 4.09 -7.70 -35.39
C LEU B 243 3.17 -6.51 -35.53
N ASN B 244 3.36 -5.82 -36.65
CA ASN B 244 2.61 -4.61 -36.97
C ASN B 244 2.20 -4.53 -38.42
N ASP B 245 1.78 -3.32 -38.80
CA ASP B 245 1.29 -3.02 -40.13
C ASP B 245 2.25 -3.34 -41.25
N PHE B 246 3.52 -2.98 -41.07
CA PHE B 246 4.55 -3.24 -42.07
C PHE B 246 4.89 -4.70 -42.31
N THR B 247 5.38 -5.32 -41.25
CA THR B 247 5.83 -6.69 -41.23
C THR B 247 4.80 -7.77 -41.54
N ILE B 248 3.56 -7.50 -41.11
CA ILE B 248 2.54 -8.53 -41.23
C ILE B 248 2.28 -8.95 -42.67
N PRO B 249 2.17 -7.94 -43.54
CA PRO B 249 1.99 -8.25 -44.93
C PRO B 249 3.23 -8.91 -45.49
N GLN B 250 4.35 -8.33 -45.05
CA GLN B 250 5.69 -8.73 -45.39
C GLN B 250 5.99 -10.18 -44.98
N LEU B 251 5.10 -10.75 -44.17
CA LEU B 251 5.28 -12.10 -43.65
C LEU B 251 4.86 -13.25 -44.56
N LYS B 252 5.73 -14.29 -44.58
CA LYS B 252 5.57 -15.51 -45.37
C LYS B 252 5.06 -16.73 -44.59
N ALA B 253 5.79 -17.02 -43.50
CA ALA B 253 5.57 -18.12 -42.58
C ALA B 253 4.13 -18.39 -42.20
N LYS B 254 3.91 -19.60 -41.70
CA LYS B 254 2.56 -19.97 -41.30
C LYS B 254 2.42 -19.97 -39.79
N VAL B 255 3.54 -20.02 -39.11
CA VAL B 255 3.54 -20.03 -37.69
C VAL B 255 4.38 -18.91 -37.09
N ILE B 256 3.91 -18.40 -35.96
CA ILE B 256 4.64 -17.40 -35.19
C ILE B 256 4.92 -17.95 -33.78
N ALA B 257 6.22 -18.07 -33.41
CA ALA B 257 6.62 -18.66 -32.12
C ALA B 257 8.04 -18.32 -31.63
N GLY B 258 8.13 -17.26 -30.84
CA GLY B 258 9.39 -16.81 -30.28
C GLY B 258 9.23 -16.41 -28.82
N SER B 259 10.35 -16.06 -28.20
CA SER B 259 10.45 -15.73 -26.80
C SER B 259 10.09 -14.32 -26.39
N ALA B 260 10.05 -13.41 -27.35
CA ALA B 260 9.82 -12.01 -27.07
C ALA B 260 8.50 -11.68 -26.40
N ASP B 261 8.50 -10.55 -25.71
CA ASP B 261 7.34 -10.00 -25.05
C ASP B 261 6.65 -8.93 -25.88
N ASN B 262 5.34 -8.87 -25.75
CA ASN B 262 4.54 -7.90 -26.46
C ASN B 262 4.89 -7.87 -27.93
N GLN B 263 4.93 -9.06 -28.52
CA GLN B 263 5.24 -9.24 -29.93
C GLN B 263 4.31 -8.41 -30.82
N LEU B 264 3.03 -8.44 -30.46
CA LEU B 264 2.03 -7.68 -31.17
C LEU B 264 2.14 -6.20 -30.83
N LYS B 265 2.00 -5.37 -31.84
CA LYS B 265 1.98 -3.96 -31.61
C LYS B 265 0.61 -3.56 -31.09
N ASP B 266 -0.42 -4.23 -31.65
CA ASP B 266 -1.81 -4.00 -31.32
C ASP B 266 -2.64 -5.28 -31.49
N PRO B 267 -3.82 -5.35 -30.81
CA PRO B 267 -4.68 -6.52 -30.89
C PRO B 267 -5.08 -6.69 -32.32
N ARG B 268 -5.23 -5.50 -32.90
CA ARG B 268 -5.54 -5.28 -34.27
C ARG B 268 -4.72 -6.25 -35.13
N HIS B 269 -3.43 -6.34 -34.77
CA HIS B 269 -2.50 -7.20 -35.43
C HIS B 269 -2.78 -8.64 -35.13
N GLY B 270 -3.22 -8.86 -33.89
CA GLY B 270 -3.54 -10.19 -33.48
C GLY B 270 -4.69 -10.62 -34.35
N LYS B 271 -5.61 -9.68 -34.49
CA LYS B 271 -6.80 -9.83 -35.30
C LYS B 271 -6.49 -10.03 -36.77
N TYR B 272 -5.49 -9.31 -37.24
CA TYR B 272 -5.05 -9.41 -38.61
C TYR B 272 -4.40 -10.76 -38.88
N LEU B 273 -3.40 -11.08 -38.07
CA LEU B 273 -2.67 -12.33 -38.17
C LEU B 273 -3.64 -13.49 -38.34
N HIS B 274 -4.83 -13.27 -37.79
CA HIS B 274 -5.89 -14.25 -37.75
C HIS B 274 -6.53 -14.60 -39.10
N GLU B 275 -7.20 -13.62 -39.71
CA GLU B 275 -7.78 -13.87 -41.00
C GLU B 275 -6.73 -14.48 -41.90
N LEU B 276 -5.56 -13.84 -41.89
CA LEU B 276 -4.40 -14.30 -42.63
C LEU B 276 -4.26 -15.81 -42.66
N GLY B 277 -4.55 -16.45 -41.53
CA GLY B 277 -4.41 -17.90 -41.48
C GLY B 277 -3.09 -18.32 -40.87
N ILE B 278 -2.37 -17.31 -40.36
CA ILE B 278 -1.14 -17.56 -39.66
C ILE B 278 -1.44 -17.98 -38.23
N VAL B 279 -0.77 -19.03 -37.76
CA VAL B 279 -0.98 -19.55 -36.41
C VAL B 279 -0.03 -18.88 -35.44
N TYR B 280 -0.56 -17.95 -34.65
CA TYR B 280 0.22 -17.20 -33.70
C TYR B 280 0.08 -17.76 -32.30
N ALA B 281 1.20 -18.35 -31.81
CA ALA B 281 1.34 -18.91 -30.45
C ALA B 281 1.56 -17.77 -29.45
N PRO B 282 0.57 -17.48 -28.61
CA PRO B 282 0.68 -16.35 -27.72
C PRO B 282 1.93 -16.26 -26.87
N ASP B 283 2.58 -15.10 -27.02
CA ASP B 283 3.83 -14.75 -26.38
C ASP B 283 3.90 -15.13 -24.92
N TYR B 284 2.96 -14.57 -24.15
CA TYR B 284 2.92 -14.76 -22.71
C TYR B 284 2.74 -16.19 -22.26
N VAL B 285 2.11 -16.96 -23.09
CA VAL B 285 1.96 -18.36 -22.77
C VAL B 285 3.22 -19.11 -23.13
N ILE B 286 3.67 -18.93 -24.36
CA ILE B 286 4.82 -19.65 -24.84
C ILE B 286 6.14 -19.29 -24.16
N ASN B 287 6.30 -18.05 -23.72
CA ASN B 287 7.59 -17.72 -23.15
C ASN B 287 7.61 -17.81 -21.63
N ALA B 288 6.60 -18.42 -21.06
CA ALA B 288 6.49 -18.48 -19.61
C ALA B 288 7.45 -19.43 -18.87
N GLY B 289 8.29 -20.20 -19.58
CA GLY B 289 9.21 -21.10 -18.92
C GLY B 289 10.02 -20.45 -17.79
N GLY B 290 10.27 -19.15 -17.82
CA GLY B 290 11.07 -18.55 -16.74
C GLY B 290 10.33 -18.35 -15.39
N VAL B 291 9.05 -17.94 -15.44
CA VAL B 291 8.28 -17.77 -14.25
C VAL B 291 8.13 -19.07 -13.60
N ILE B 292 7.79 -20.03 -14.43
CA ILE B 292 7.56 -21.37 -13.96
C ILE B 292 8.75 -21.86 -13.21
N ASN B 293 9.92 -21.57 -13.81
CA ASN B 293 11.19 -21.97 -13.22
C ASN B 293 11.39 -21.35 -11.85
N VAL B 294 11.12 -20.04 -11.75
CA VAL B 294 11.31 -19.36 -10.49
C VAL B 294 10.26 -19.77 -9.48
N ALA B 295 9.05 -20.09 -9.96
CA ALA B 295 7.96 -20.53 -9.11
C ALA B 295 8.27 -21.84 -8.36
N ASP B 296 8.94 -22.77 -9.04
CA ASP B 296 9.34 -24.07 -8.49
C ASP B 296 10.12 -23.96 -7.19
N GLU B 297 10.98 -22.95 -7.16
CA GLU B 297 11.77 -22.67 -5.99
C GLU B 297 10.86 -22.63 -4.76
N LEU B 298 9.60 -22.21 -4.95
CA LEU B 298 8.68 -22.10 -3.83
C LEU B 298 8.43 -23.44 -3.17
N TYR B 299 8.76 -24.50 -3.89
CA TYR B 299 8.60 -25.84 -3.36
C TYR B 299 9.92 -26.48 -3.03
N GLY B 300 11.01 -25.76 -3.16
CA GLY B 300 12.29 -26.41 -3.00
C GLY B 300 12.72 -26.90 -4.38
N TYR B 301 13.45 -26.02 -5.09
CA TYR B 301 13.85 -26.20 -6.47
C TYR B 301 14.26 -27.59 -6.89
N ASN B 302 13.76 -27.94 -8.07
CA ASN B 302 14.04 -29.19 -8.73
C ASN B 302 14.01 -28.99 -10.24
N ARG B 303 15.20 -28.80 -10.84
CA ARG B 303 15.34 -28.63 -12.28
C ARG B 303 14.40 -29.56 -13.04
N THR B 304 14.43 -30.83 -12.65
CA THR B 304 13.63 -31.89 -13.23
C THR B 304 12.16 -31.51 -13.24
N ARG B 305 11.62 -31.38 -12.02
CA ARG B 305 10.23 -31.00 -11.81
C ARG B 305 9.92 -29.74 -12.61
N ALA B 306 10.77 -28.72 -12.47
CA ALA B 306 10.64 -27.45 -13.17
C ALA B 306 10.46 -27.72 -14.64
N MET B 307 11.38 -28.51 -15.18
CA MET B 307 11.35 -28.87 -16.59
C MET B 307 10.04 -29.52 -16.98
N LYS B 308 9.60 -30.44 -16.12
CA LYS B 308 8.36 -31.12 -16.39
C LYS B 308 7.17 -30.16 -16.39
N ARG B 309 7.26 -29.15 -15.54
CA ARG B 309 6.24 -28.13 -15.50
C ARG B 309 6.22 -27.42 -16.84
N VAL B 310 7.42 -27.16 -17.34
CA VAL B 310 7.57 -26.46 -18.58
C VAL B 310 6.94 -27.23 -19.74
N ASP B 311 7.21 -28.50 -19.79
CA ASP B 311 6.60 -29.25 -20.84
C ASP B 311 5.12 -28.93 -21.08
N GLY B 312 4.45 -28.52 -20.03
CA GLY B 312 3.03 -28.30 -20.13
C GLY B 312 2.65 -27.24 -21.12
N ILE B 313 3.66 -26.52 -21.55
CA ILE B 313 3.43 -25.42 -22.48
C ILE B 313 2.72 -25.92 -23.73
N TYR B 314 3.24 -27.04 -24.24
CA TYR B 314 2.74 -27.72 -25.43
C TYR B 314 1.23 -27.85 -25.39
N ASP B 315 0.79 -28.41 -24.28
CA ASP B 315 -0.60 -28.66 -24.06
C ASP B 315 -1.41 -27.38 -23.89
N SER B 316 -0.74 -26.40 -23.31
CA SER B 316 -1.40 -25.14 -23.14
C SER B 316 -1.64 -24.46 -24.49
N ILE B 317 -0.60 -24.43 -25.28
CA ILE B 317 -0.69 -23.89 -26.64
C ILE B 317 -1.80 -24.61 -27.38
N GLU B 318 -1.73 -25.93 -27.33
CA GLU B 318 -2.74 -26.81 -27.89
C GLU B 318 -4.15 -26.38 -27.52
N LYS B 319 -4.35 -26.29 -26.23
CA LYS B 319 -5.63 -25.87 -25.69
C LYS B 319 -6.07 -24.50 -26.19
N ILE B 320 -5.10 -23.60 -26.37
CA ILE B 320 -5.45 -22.30 -26.84
C ILE B 320 -6.12 -22.43 -28.20
N PHE B 321 -5.54 -23.30 -29.03
CA PHE B 321 -6.04 -23.57 -30.35
C PHE B 321 -7.51 -23.98 -30.34
N ALA B 322 -7.82 -25.02 -29.57
CA ALA B 322 -9.19 -25.48 -29.49
C ALA B 322 -10.15 -24.38 -29.07
N ILE B 323 -9.80 -23.64 -28.02
CA ILE B 323 -10.67 -22.58 -27.57
C ILE B 323 -10.94 -21.62 -28.74
N SER B 324 -10.01 -21.62 -29.71
CA SER B 324 -10.16 -20.74 -30.88
C SER B 324 -11.28 -21.16 -31.79
N LYS B 325 -11.25 -22.42 -32.20
CA LYS B 325 -12.30 -22.94 -33.04
C LYS B 325 -13.50 -23.35 -32.19
N ARG B 326 -13.60 -22.74 -31.03
CA ARG B 326 -14.69 -23.06 -30.14
C ARG B 326 -15.55 -21.83 -29.98
N ASP B 327 -14.94 -20.71 -30.28
CA ASP B 327 -15.62 -19.43 -30.19
C ASP B 327 -15.28 -18.68 -31.44
N GLY B 328 -14.47 -19.34 -32.26
CA GLY B 328 -13.99 -18.73 -33.48
C GLY B 328 -13.34 -17.40 -33.14
N VAL B 329 -12.37 -17.47 -32.23
CA VAL B 329 -11.64 -16.29 -31.83
C VAL B 329 -10.16 -16.45 -32.12
N PRO B 330 -9.51 -15.28 -32.27
CA PRO B 330 -8.07 -15.20 -32.53
C PRO B 330 -7.26 -15.88 -31.41
N SER B 331 -6.07 -16.36 -31.76
CA SER B 331 -5.21 -17.05 -30.82
C SER B 331 -5.00 -16.26 -29.56
N TYR B 332 -4.65 -15.01 -29.75
CA TYR B 332 -4.38 -14.11 -28.66
C TYR B 332 -5.55 -13.88 -27.72
N VAL B 333 -6.74 -13.93 -28.27
CA VAL B 333 -7.92 -13.73 -27.47
C VAL B 333 -8.22 -14.95 -26.61
N ALA B 334 -7.97 -16.12 -27.18
CA ALA B 334 -8.18 -17.38 -26.52
C ALA B 334 -7.20 -17.64 -25.37
N ALA B 335 -6.06 -16.95 -25.38
CA ALA B 335 -5.11 -17.12 -24.32
C ALA B 335 -5.73 -16.50 -23.08
N ASP B 336 -6.22 -15.31 -23.28
CA ASP B 336 -6.84 -14.58 -22.23
C ASP B 336 -7.96 -15.34 -21.57
N ARG B 337 -8.77 -15.98 -22.39
CA ARG B 337 -9.94 -16.68 -21.92
C ARG B 337 -9.58 -17.89 -21.11
N MET B 338 -8.68 -18.63 -21.67
CA MET B 338 -8.20 -19.78 -20.99
C MET B 338 -7.72 -19.40 -19.57
N ALA B 339 -7.07 -18.26 -19.46
CA ALA B 339 -6.58 -17.79 -18.18
C ALA B 339 -7.71 -17.42 -17.25
N GLU B 340 -8.60 -16.60 -17.76
CA GLU B 340 -9.69 -16.19 -16.90
C GLU B 340 -10.59 -17.35 -16.52
N GLU B 341 -10.69 -18.33 -17.39
CA GLU B 341 -11.51 -19.47 -17.10
C GLU B 341 -10.93 -20.30 -15.98
N ARG B 342 -9.62 -20.41 -15.97
CA ARG B 342 -8.97 -21.18 -14.95
C ARG B 342 -9.12 -20.53 -13.56
N ILE B 343 -9.07 -19.23 -13.55
CA ILE B 343 -9.20 -18.54 -12.31
C ILE B 343 -10.54 -18.80 -11.70
N ALA B 344 -11.55 -18.62 -12.52
CA ALA B 344 -12.91 -18.75 -12.03
C ALA B 344 -13.26 -20.15 -11.61
N LYS B 345 -12.94 -21.09 -12.46
CA LYS B 345 -13.24 -22.47 -12.21
C LYS B 345 -12.54 -22.97 -10.96
N VAL B 346 -11.25 -22.68 -10.86
CA VAL B 346 -10.49 -23.07 -9.68
C VAL B 346 -11.04 -22.38 -8.43
N ALA B 347 -11.37 -21.09 -8.51
CA ALA B 347 -11.93 -20.43 -7.34
C ALA B 347 -13.23 -21.05 -6.84
N LYS B 348 -14.13 -21.39 -7.75
CA LYS B 348 -15.40 -21.98 -7.35
C LYS B 348 -15.20 -23.27 -6.61
N ALA B 349 -14.31 -24.06 -7.16
CA ALA B 349 -14.07 -25.39 -6.62
C ALA B 349 -13.27 -25.48 -5.30
N ARG B 350 -12.84 -24.30 -4.77
CA ARG B 350 -12.07 -24.24 -3.54
C ARG B 350 -12.79 -23.46 -2.50
N SER B 351 -14.09 -23.34 -2.66
CA SER B 351 -14.92 -22.50 -1.81
C SER B 351 -15.33 -23.15 -0.50
N GLN B 352 -14.86 -24.38 -0.29
CA GLN B 352 -15.20 -25.10 0.92
C GLN B 352 -14.30 -24.69 2.10
N PHE B 353 -14.89 -24.49 3.27
CA PHE B 353 -14.18 -24.09 4.50
C PHE B 353 -13.17 -25.11 4.97
N LEU B 354 -11.97 -24.65 5.33
CA LEU B 354 -10.94 -25.53 5.87
C LEU B 354 -10.25 -24.76 6.94
N GLN B 355 -9.95 -25.36 8.05
CA GLN B 355 -9.29 -24.58 9.06
C GLN B 355 -7.82 -24.43 8.84
N ASP B 356 -7.23 -25.36 8.12
CA ASP B 356 -5.82 -25.35 7.83
C ASP B 356 -5.57 -25.57 6.36
N GLN B 357 -5.97 -24.62 5.54
CA GLN B 357 -5.81 -24.70 4.10
C GLN B 357 -4.34 -24.77 3.73
N ARG B 358 -4.01 -25.48 2.68
CA ARG B 358 -2.63 -25.49 2.24
C ARG B 358 -2.45 -24.43 1.13
N ASN B 359 -1.26 -23.82 1.05
CA ASN B 359 -0.90 -22.79 0.05
C ASN B 359 0.56 -22.87 -0.39
N ILE B 360 0.86 -22.25 -1.49
CA ILE B 360 2.20 -22.34 -2.02
C ILE B 360 3.25 -21.81 -1.09
N LEU B 361 2.89 -21.08 -0.05
CA LEU B 361 3.93 -20.47 0.74
C LEU B 361 4.84 -21.50 1.31
N ASN B 362 4.24 -22.63 1.63
CA ASN B 362 5.05 -23.72 2.14
C ASN B 362 5.82 -23.21 3.35
N GLY B 363 5.04 -22.55 4.22
CA GLY B 363 5.51 -21.99 5.48
C GLY B 363 6.58 -20.91 5.35
N ARG B 364 6.51 -20.09 4.30
CA ARG B 364 7.47 -19.01 4.16
C ARG B 364 7.12 -17.82 5.03
#